data_2EOR
#
_entry.id   2EOR
#
loop_
_entity.id
_entity.type
_entity.pdbx_description
1 polymer 'Zinc finger protein 224'
2 non-polymer 'ZINC ION'
#
_entity_poly.entity_id   1
_entity_poly.type   'polypeptide(L)'
_entity_poly.pdbx_seq_one_letter_code
;GSSGSSGTGEKPYNCEECGKAFIHDSQLQEHQRIHTGEKPSGPSSG
;
_entity_poly.pdbx_strand_id   A
#
# COMPACT_ATOMS: atom_id res chain seq x y z
N GLY A 1 -4.89 18.38 -11.74
CA GLY A 1 -4.12 17.21 -11.35
C GLY A 1 -4.10 16.14 -12.42
N SER A 2 -3.04 16.13 -13.22
CA SER A 2 -2.91 15.15 -14.30
C SER A 2 -3.47 13.80 -13.88
N SER A 3 -3.10 13.37 -12.68
CA SER A 3 -3.56 12.08 -12.15
C SER A 3 -3.17 10.94 -13.09
N GLY A 4 -1.95 11.00 -13.60
CA GLY A 4 -1.47 9.96 -14.51
C GLY A 4 -1.99 10.15 -15.92
N SER A 5 -1.60 11.25 -16.55
CA SER A 5 -2.03 11.55 -17.90
C SER A 5 -1.02 11.03 -18.93
N SER A 6 0.26 11.31 -18.69
CA SER A 6 1.32 10.86 -19.59
C SER A 6 2.66 10.82 -18.85
N GLY A 7 3.37 9.71 -19.02
CA GLY A 7 4.66 9.56 -18.36
C GLY A 7 4.87 8.16 -17.83
N THR A 8 5.67 8.05 -16.77
CA THR A 8 5.96 6.76 -16.15
C THR A 8 5.47 6.71 -14.71
N GLY A 9 4.25 6.23 -14.52
CA GLY A 9 3.68 6.14 -13.19
C GLY A 9 2.71 4.96 -13.05
N GLU A 10 3.27 3.76 -12.97
CA GLU A 10 2.45 2.56 -12.83
C GLU A 10 3.23 1.45 -12.15
N LYS A 11 2.51 0.57 -11.46
CA LYS A 11 3.14 -0.55 -10.75
C LYS A 11 2.20 -1.75 -10.70
N PRO A 12 2.77 -2.96 -10.82
CA PRO A 12 2.01 -4.21 -10.78
C PRO A 12 1.44 -4.50 -9.39
N TYR A 13 1.70 -3.60 -8.45
CA TYR A 13 1.23 -3.77 -7.08
C TYR A 13 0.84 -2.43 -6.47
N ASN A 14 -0.09 -2.45 -5.54
CA ASN A 14 -0.55 -1.24 -4.88
C ASN A 14 -1.29 -1.57 -3.58
N CYS A 15 -1.15 -0.69 -2.59
CA CYS A 15 -1.81 -0.89 -1.30
C CYS A 15 -3.16 -0.19 -1.27
N GLU A 16 -4.22 -0.99 -1.20
CA GLU A 16 -5.58 -0.45 -1.16
C GLU A 16 -5.96 -0.03 0.26
N GLU A 17 -4.96 0.09 1.12
CA GLU A 17 -5.19 0.48 2.51
C GLU A 17 -4.74 1.91 2.75
N CYS A 18 -3.60 2.28 2.18
CA CYS A 18 -3.06 3.63 2.33
C CYS A 18 -2.96 4.33 0.99
N GLY A 19 -2.43 3.62 0.00
CA GLY A 19 -2.28 4.20 -1.33
C GLY A 19 -0.84 4.22 -1.79
N LYS A 20 -0.08 3.20 -1.42
CA LYS A 20 1.32 3.11 -1.81
C LYS A 20 1.52 2.05 -2.89
N ALA A 21 2.11 2.47 -4.01
CA ALA A 21 2.37 1.56 -5.12
C ALA A 21 3.67 0.80 -4.93
N PHE A 22 3.73 -0.43 -5.44
CA PHE A 22 4.92 -1.25 -5.33
C PHE A 22 5.26 -1.91 -6.66
N ILE A 23 6.55 -1.96 -6.98
CA ILE A 23 7.02 -2.55 -8.22
C ILE A 23 6.94 -4.07 -8.17
N HIS A 24 7.15 -4.63 -6.99
CA HIS A 24 7.10 -6.08 -6.81
C HIS A 24 6.22 -6.44 -5.61
N ASP A 25 5.96 -7.73 -5.45
CA ASP A 25 5.14 -8.21 -4.34
C ASP A 25 5.89 -8.11 -3.01
N SER A 26 6.95 -8.90 -2.87
CA SER A 26 7.75 -8.90 -1.65
C SER A 26 7.80 -7.50 -1.04
N GLN A 27 7.96 -6.49 -1.90
CA GLN A 27 8.03 -5.12 -1.45
C GLN A 27 6.74 -4.69 -0.76
N LEU A 28 5.62 -4.84 -1.47
CA LEU A 28 4.32 -4.47 -0.93
C LEU A 28 4.01 -5.27 0.33
N GLN A 29 4.16 -6.58 0.25
CA GLN A 29 3.89 -7.46 1.38
C GLN A 29 4.67 -7.00 2.62
N GLU A 30 5.95 -6.70 2.42
CA GLU A 30 6.80 -6.25 3.52
C GLU A 30 6.26 -4.94 4.11
N HIS A 31 5.29 -4.35 3.44
CA HIS A 31 4.70 -3.10 3.90
C HIS A 31 3.32 -3.34 4.50
N GLN A 32 2.50 -4.10 3.80
CA GLN A 32 1.15 -4.41 4.27
C GLN A 32 1.17 -4.91 5.71
N ARG A 33 2.33 -5.40 6.13
CA ARG A 33 2.48 -5.92 7.49
C ARG A 33 2.23 -4.83 8.52
N ILE A 34 2.60 -3.59 8.17
CA ILE A 34 2.41 -2.46 9.06
C ILE A 34 0.94 -2.25 9.39
N HIS A 35 0.07 -2.61 8.45
CA HIS A 35 -1.37 -2.48 8.64
C HIS A 35 -1.91 -3.61 9.49
N THR A 36 -1.55 -4.84 9.13
CA THR A 36 -2.01 -6.01 9.85
C THR A 36 -1.80 -5.86 11.36
N GLY A 37 -0.67 -5.25 11.73
CA GLY A 37 -0.38 -5.05 13.13
C GLY A 37 -1.10 -3.84 13.71
N GLU A 38 -0.47 -3.17 14.66
CA GLU A 38 -1.06 -2.00 15.30
C GLU A 38 -0.48 -0.71 14.71
N LYS A 39 -1.21 -0.12 13.77
CA LYS A 39 -0.79 1.12 13.12
C LYS A 39 -0.29 2.12 14.16
N PRO A 40 0.75 2.88 13.79
CA PRO A 40 1.35 3.90 14.66
C PRO A 40 0.42 5.09 14.88
N SER A 41 0.99 6.19 15.37
CA SER A 41 0.22 7.39 15.64
C SER A 41 0.53 8.47 14.60
N GLY A 42 -0.25 8.46 13.52
CA GLY A 42 -0.03 9.45 12.47
C GLY A 42 -0.77 9.10 11.19
N PRO A 43 -0.44 7.93 10.62
CA PRO A 43 -1.06 7.45 9.38
C PRO A 43 -2.52 7.05 9.57
N SER A 44 -3.02 7.24 10.80
CA SER A 44 -4.40 6.90 11.11
C SER A 44 -5.36 7.94 10.54
N SER A 45 -5.26 8.18 9.24
CA SER A 45 -6.12 9.15 8.57
C SER A 45 -6.96 8.47 7.49
N GLY A 46 -6.28 7.79 6.56
CA GLY A 46 -6.97 7.11 5.49
C GLY A 46 -6.01 6.45 4.50
N GLY A 1 -4.18 26.08 -12.28
CA GLY A 1 -3.76 25.92 -13.66
C GLY A 1 -4.35 24.68 -14.32
N SER A 2 -3.49 23.84 -14.88
CA SER A 2 -3.93 22.62 -15.54
C SER A 2 -3.03 21.45 -15.19
N SER A 3 -3.63 20.27 -15.06
CA SER A 3 -2.88 19.06 -14.71
C SER A 3 -1.94 18.66 -15.84
N GLY A 4 -0.76 18.18 -15.48
CA GLY A 4 0.22 17.78 -16.48
C GLY A 4 0.27 16.27 -16.65
N SER A 5 0.33 15.55 -15.53
CA SER A 5 0.40 14.09 -15.56
C SER A 5 -0.95 13.49 -15.16
N SER A 6 -1.62 12.87 -16.13
CA SER A 6 -2.91 12.26 -15.88
C SER A 6 -2.82 11.21 -14.77
N GLY A 7 -1.96 10.22 -14.98
CA GLY A 7 -1.78 9.16 -14.00
C GLY A 7 -0.40 9.19 -13.36
N THR A 8 -0.35 8.88 -12.08
CA THR A 8 0.91 8.88 -11.35
C THR A 8 1.27 7.47 -10.88
N GLY A 9 2.36 6.94 -11.41
CA GLY A 9 2.80 5.60 -11.03
C GLY A 9 2.00 4.52 -11.72
N GLU A 10 2.67 3.47 -12.17
CA GLU A 10 2.02 2.36 -12.85
C GLU A 10 2.41 1.03 -12.22
N LYS A 11 3.15 1.09 -11.12
CA LYS A 11 3.59 -0.11 -10.42
C LYS A 11 2.53 -1.20 -10.51
N PRO A 12 2.98 -2.45 -10.75
CA PRO A 12 2.09 -3.60 -10.87
C PRO A 12 1.48 -4.00 -9.54
N TYR A 13 1.79 -3.23 -8.50
CA TYR A 13 1.26 -3.50 -7.17
C TYR A 13 0.93 -2.19 -6.43
N ASN A 14 -0.07 -2.25 -5.56
CA ASN A 14 -0.49 -1.08 -4.81
C ASN A 14 -1.24 -1.49 -3.54
N CYS A 15 -1.02 -0.75 -2.46
CA CYS A 15 -1.67 -1.03 -1.18
C CYS A 15 -3.07 -0.45 -1.16
N GLU A 16 -4.06 -1.32 -0.90
CA GLU A 16 -5.45 -0.88 -0.84
C GLU A 16 -5.83 -0.46 0.57
N GLU A 17 -4.82 -0.20 1.40
CA GLU A 17 -5.05 0.21 2.78
C GLU A 17 -4.66 1.67 2.98
N CYS A 18 -3.61 2.10 2.30
CA CYS A 18 -3.12 3.47 2.40
C CYS A 18 -3.17 4.17 1.05
N GLY A 19 -2.63 3.50 0.03
CA GLY A 19 -2.61 4.06 -1.31
C GLY A 19 -1.21 4.22 -1.86
N LYS A 20 -0.38 3.20 -1.66
CA LYS A 20 1.00 3.23 -2.14
C LYS A 20 1.18 2.27 -3.30
N ALA A 21 2.34 2.34 -3.95
CA ALA A 21 2.65 1.47 -5.07
C ALA A 21 3.87 0.61 -4.79
N PHE A 22 4.04 -0.46 -5.57
CA PHE A 22 5.16 -1.37 -5.40
C PHE A 22 5.51 -2.06 -6.71
N ILE A 23 6.80 -2.24 -6.96
CA ILE A 23 7.26 -2.89 -8.18
C ILE A 23 7.16 -4.41 -8.06
N HIS A 24 7.55 -4.93 -6.90
CA HIS A 24 7.50 -6.36 -6.66
C HIS A 24 6.59 -6.69 -5.49
N ASP A 25 5.98 -7.88 -5.52
CA ASP A 25 5.08 -8.31 -4.45
C ASP A 25 5.78 -8.23 -3.10
N SER A 26 6.84 -9.01 -2.94
CA SER A 26 7.59 -9.04 -1.70
C SER A 26 7.64 -7.65 -1.06
N GLN A 27 7.87 -6.64 -1.88
CA GLN A 27 7.95 -5.27 -1.40
C GLN A 27 6.61 -4.82 -0.81
N LEU A 28 5.55 -4.92 -1.60
CA LEU A 28 4.22 -4.53 -1.16
C LEU A 28 3.82 -5.32 0.09
N GLN A 29 3.94 -6.63 0.03
CA GLN A 29 3.59 -7.49 1.15
C GLN A 29 4.36 -7.09 2.40
N GLU A 30 5.67 -6.88 2.25
CA GLU A 30 6.51 -6.50 3.37
C GLU A 30 6.06 -5.18 3.97
N HIS A 31 5.23 -4.45 3.23
CA HIS A 31 4.72 -3.16 3.68
C HIS A 31 3.37 -3.34 4.38
N GLN A 32 2.43 -3.98 3.69
CA GLN A 32 1.10 -4.20 4.24
C GLN A 32 1.18 -4.54 5.74
N ARG A 33 2.31 -5.09 6.15
CA ARG A 33 2.51 -5.47 7.55
C ARG A 33 2.17 -4.30 8.48
N ILE A 34 2.69 -3.12 8.14
CA ILE A 34 2.44 -1.93 8.94
C ILE A 34 0.96 -1.77 9.24
N HIS A 35 0.12 -2.34 8.38
CA HIS A 35 -1.33 -2.25 8.54
C HIS A 35 -1.84 -3.37 9.44
N THR A 36 -1.42 -4.60 9.14
CA THR A 36 -1.84 -5.76 9.92
C THR A 36 -1.68 -5.51 11.42
N GLY A 37 -0.53 -4.96 11.80
CA GLY A 37 -0.26 -4.67 13.19
C GLY A 37 -1.28 -3.71 13.79
N GLU A 38 -2.20 -4.24 14.59
CA GLU A 38 -3.23 -3.43 15.22
C GLU A 38 -3.19 -3.58 16.74
N LYS A 39 -3.26 -2.46 17.44
CA LYS A 39 -3.24 -2.47 18.90
C LYS A 39 -4.57 -2.97 19.47
N PRO A 40 -4.50 -3.77 20.54
CA PRO A 40 -5.69 -4.32 21.20
C PRO A 40 -6.50 -3.25 21.93
N SER A 41 -7.56 -3.67 22.60
CA SER A 41 -8.41 -2.76 23.34
C SER A 41 -7.89 -2.55 24.76
N GLY A 42 -6.60 -2.27 24.87
CA GLY A 42 -6.00 -2.06 26.18
C GLY A 42 -4.94 -3.09 26.51
N PRO A 43 -3.80 -3.02 25.82
CA PRO A 43 -2.68 -3.94 26.03
C PRO A 43 -2.00 -3.74 27.39
N SER A 44 -0.93 -4.48 27.61
CA SER A 44 -0.19 -4.39 28.87
C SER A 44 1.04 -3.50 28.72
N SER A 45 0.81 -2.25 28.33
CA SER A 45 1.90 -1.29 28.14
C SER A 45 1.44 0.12 28.47
N GLY A 46 2.39 1.05 28.52
CA GLY A 46 2.07 2.43 28.83
C GLY A 46 0.71 2.84 28.29
N GLY A 1 -1.31 25.39 -16.49
CA GLY A 1 -1.69 23.99 -16.37
C GLY A 1 -0.48 23.07 -16.47
N SER A 2 -0.26 22.27 -15.43
CA SER A 2 0.87 21.35 -15.41
C SER A 2 0.39 19.90 -15.51
N SER A 3 0.28 19.41 -16.74
CA SER A 3 -0.18 18.05 -16.97
C SER A 3 1.00 17.08 -17.02
N GLY A 4 2.02 17.42 -17.80
CA GLY A 4 3.19 16.58 -17.92
C GLY A 4 2.87 15.20 -18.49
N SER A 5 3.90 14.49 -18.93
CA SER A 5 3.71 13.17 -19.51
C SER A 5 4.40 12.11 -18.66
N SER A 6 4.18 10.84 -19.01
CA SER A 6 4.78 9.73 -18.28
C SER A 6 5.84 9.03 -19.12
N GLY A 7 6.54 8.09 -18.51
CA GLY A 7 7.59 7.35 -19.22
C GLY A 7 7.61 5.88 -18.85
N THR A 8 8.78 5.27 -18.97
CA THR A 8 8.94 3.86 -18.65
C THR A 8 8.82 3.62 -17.15
N GLY A 9 8.27 2.47 -16.78
CA GLY A 9 8.10 2.14 -15.38
C GLY A 9 6.65 2.16 -14.95
N GLU A 10 6.26 1.17 -14.14
CA GLU A 10 4.88 1.08 -13.66
C GLU A 10 4.81 0.21 -12.40
N LYS A 11 3.82 0.49 -11.56
CA LYS A 11 3.64 -0.26 -10.33
C LYS A 11 2.38 -1.13 -10.39
N PRO A 12 2.57 -2.40 -10.78
CA PRO A 12 1.47 -3.36 -10.90
C PRO A 12 0.90 -3.76 -9.54
N TYR A 13 1.41 -3.13 -8.49
CA TYR A 13 0.95 -3.42 -7.14
C TYR A 13 0.60 -2.13 -6.39
N ASN A 14 -0.23 -2.27 -5.36
CA ASN A 14 -0.65 -1.11 -4.57
C ASN A 14 -1.20 -1.55 -3.21
N CYS A 15 -1.32 -0.60 -2.30
CA CYS A 15 -1.83 -0.90 -0.96
C CYS A 15 -3.21 -0.27 -0.76
N GLU A 16 -4.25 -1.06 -1.02
CA GLU A 16 -5.62 -0.59 -0.86
C GLU A 16 -5.88 -0.10 0.55
N GLU A 17 -4.96 -0.43 1.46
CA GLU A 17 -5.09 -0.04 2.86
C GLU A 17 -4.79 1.46 3.02
N CYS A 18 -3.65 1.89 2.47
CA CYS A 18 -3.25 3.29 2.56
C CYS A 18 -3.33 3.96 1.19
N GLY A 19 -2.77 3.31 0.18
CA GLY A 19 -2.79 3.86 -1.17
C GLY A 19 -1.39 4.04 -1.73
N LYS A 20 -0.49 3.13 -1.38
CA LYS A 20 0.88 3.19 -1.87
C LYS A 20 1.12 2.16 -2.97
N ALA A 21 1.74 2.60 -4.06
CA ALA A 21 2.03 1.72 -5.18
C ALA A 21 3.32 0.95 -4.96
N PHE A 22 3.43 -0.23 -5.58
CA PHE A 22 4.62 -1.07 -5.44
C PHE A 22 4.97 -1.73 -6.77
N ILE A 23 6.26 -1.90 -7.02
CA ILE A 23 6.73 -2.52 -8.25
C ILE A 23 6.67 -4.03 -8.16
N HIS A 24 7.09 -4.57 -7.02
CA HIS A 24 7.08 -6.02 -6.80
C HIS A 24 6.18 -6.38 -5.63
N ASP A 25 5.68 -7.61 -5.63
CA ASP A 25 4.81 -8.08 -4.56
C ASP A 25 5.53 -8.10 -3.23
N SER A 26 6.77 -8.60 -3.23
CA SER A 26 7.57 -8.68 -2.03
C SER A 26 7.64 -7.33 -1.32
N GLN A 27 7.73 -6.27 -2.12
CA GLN A 27 7.79 -4.92 -1.58
C GLN A 27 6.50 -4.55 -0.85
N LEU A 28 5.39 -4.64 -1.57
CA LEU A 28 4.09 -4.33 -1.00
C LEU A 28 3.80 -5.18 0.23
N GLN A 29 4.07 -6.47 0.12
CA GLN A 29 3.85 -7.40 1.23
C GLN A 29 4.67 -7.00 2.45
N GLU A 30 5.90 -6.55 2.20
CA GLU A 30 6.79 -6.14 3.29
C GLU A 30 6.29 -4.85 3.93
N HIS A 31 5.27 -4.25 3.33
CA HIS A 31 4.70 -3.00 3.84
C HIS A 31 3.36 -3.26 4.51
N GLN A 32 2.55 -4.11 3.90
CA GLN A 32 1.24 -4.44 4.44
C GLN A 32 1.35 -4.97 5.87
N ARG A 33 2.56 -5.36 6.25
CA ARG A 33 2.81 -5.90 7.59
C ARG A 33 2.60 -4.82 8.64
N ILE A 34 2.79 -3.57 8.25
CA ILE A 34 2.63 -2.44 9.17
C ILE A 34 1.15 -2.16 9.44
N HIS A 35 0.29 -2.61 8.52
CA HIS A 35 -1.14 -2.41 8.67
C HIS A 35 -1.74 -3.45 9.62
N THR A 36 -1.25 -4.69 9.52
CA THR A 36 -1.74 -5.77 10.35
C THR A 36 -1.45 -5.49 11.83
N GLY A 37 -2.43 -4.91 12.52
CA GLY A 37 -2.27 -4.61 13.93
C GLY A 37 -3.59 -4.55 14.67
N GLU A 38 -4.08 -3.34 14.91
CA GLU A 38 -5.35 -3.17 15.61
C GLU A 38 -6.52 -3.18 14.64
N LYS A 39 -6.54 -4.17 13.77
CA LYS A 39 -7.62 -4.30 12.78
C LYS A 39 -7.49 -5.60 12.00
N PRO A 40 -8.64 -6.22 11.70
CA PRO A 40 -8.68 -7.49 10.96
C PRO A 40 -8.27 -7.32 9.49
N SER A 41 -7.80 -8.40 8.89
CA SER A 41 -7.36 -8.38 7.50
C SER A 41 -8.56 -8.21 6.56
N GLY A 42 -9.04 -6.98 6.44
CA GLY A 42 -10.18 -6.73 5.57
C GLY A 42 -11.47 -7.33 6.09
N PRO A 43 -12.03 -6.72 7.13
CA PRO A 43 -13.27 -7.19 7.75
C PRO A 43 -14.49 -6.98 6.85
N SER A 44 -14.36 -6.07 5.90
CA SER A 44 -15.44 -5.77 4.97
C SER A 44 -15.16 -6.37 3.60
N SER A 45 -15.41 -7.68 3.47
CA SER A 45 -15.18 -8.38 2.22
C SER A 45 -16.40 -8.27 1.31
N GLY A 46 -16.17 -7.87 0.06
CA GLY A 46 -17.25 -7.73 -0.89
C GLY A 46 -17.13 -6.47 -1.73
N GLY A 1 -13.26 13.84 -26.29
CA GLY A 1 -12.26 12.96 -26.87
C GLY A 1 -11.25 12.47 -25.85
N SER A 2 -10.65 11.31 -26.11
CA SER A 2 -9.67 10.74 -25.20
C SER A 2 -8.32 10.61 -25.89
N SER A 3 -7.27 11.08 -25.21
CA SER A 3 -5.91 11.02 -25.76
C SER A 3 -5.01 10.17 -24.86
N GLY A 4 -4.65 8.99 -25.36
CA GLY A 4 -3.79 8.10 -24.59
C GLY A 4 -2.64 8.83 -23.94
N SER A 5 -2.03 8.21 -22.94
CA SER A 5 -0.91 8.81 -22.22
C SER A 5 0.23 7.82 -22.06
N SER A 6 1.42 8.21 -22.49
CA SER A 6 2.60 7.35 -22.40
C SER A 6 2.84 6.92 -20.96
N GLY A 7 2.75 5.61 -20.72
CA GLY A 7 2.96 5.09 -19.38
C GLY A 7 2.19 3.81 -19.13
N THR A 8 2.36 2.83 -20.02
CA THR A 8 1.68 1.56 -19.89
C THR A 8 2.51 0.56 -19.09
N GLY A 9 3.19 1.05 -18.06
CA GLY A 9 4.02 0.20 -17.23
C GLY A 9 4.47 0.88 -15.95
N GLU A 10 3.63 0.82 -14.92
CA GLU A 10 3.95 1.44 -13.64
C GLU A 10 3.70 0.47 -12.49
N LYS A 11 4.07 0.89 -11.29
CA LYS A 11 3.88 0.06 -10.10
C LYS A 11 2.64 -0.80 -10.23
N PRO A 12 2.83 -2.06 -10.67
CA PRO A 12 1.72 -3.01 -10.85
C PRO A 12 1.13 -3.46 -9.51
N TYR A 13 1.63 -2.90 -8.43
CA TYR A 13 1.16 -3.25 -7.09
C TYR A 13 0.83 -1.99 -6.29
N ASN A 14 -0.17 -2.09 -5.42
CA ASN A 14 -0.58 -0.96 -4.59
C ASN A 14 -1.17 -1.45 -3.27
N CYS A 15 -1.12 -0.59 -2.26
CA CYS A 15 -1.64 -0.93 -0.94
C CYS A 15 -3.05 -0.37 -0.76
N GLU A 16 -4.05 -1.17 -1.09
CA GLU A 16 -5.44 -0.75 -0.96
C GLU A 16 -5.74 -0.27 0.46
N GLU A 17 -4.85 -0.61 1.38
CA GLU A 17 -5.01 -0.21 2.78
C GLU A 17 -4.80 1.29 2.95
N CYS A 18 -3.66 1.78 2.48
CA CYS A 18 -3.33 3.19 2.59
C CYS A 18 -3.42 3.87 1.21
N GLY A 19 -2.87 3.21 0.20
CA GLY A 19 -2.90 3.76 -1.14
C GLY A 19 -1.51 3.97 -1.71
N LYS A 20 -0.59 3.08 -1.37
CA LYS A 20 0.78 3.18 -1.85
C LYS A 20 0.97 2.36 -3.13
N ALA A 21 2.17 2.44 -3.71
CA ALA A 21 2.48 1.71 -4.92
C ALA A 21 3.82 0.98 -4.80
N PHE A 22 3.93 -0.16 -5.46
CA PHE A 22 5.16 -0.95 -5.43
C PHE A 22 5.43 -1.59 -6.78
N ILE A 23 6.67 -2.03 -6.98
CA ILE A 23 7.05 -2.67 -8.23
C ILE A 23 6.84 -4.17 -8.18
N HIS A 24 7.30 -4.79 -7.08
CA HIS A 24 7.16 -6.23 -6.90
C HIS A 24 6.16 -6.54 -5.80
N ASP A 25 5.80 -7.81 -5.66
CA ASP A 25 4.85 -8.24 -4.64
C ASP A 25 5.49 -8.23 -3.26
N SER A 26 6.60 -8.95 -3.11
CA SER A 26 7.30 -9.03 -1.84
C SER A 26 7.42 -7.64 -1.21
N GLN A 27 7.77 -6.66 -2.03
CA GLN A 27 7.91 -5.28 -1.55
C GLN A 27 6.63 -4.79 -0.89
N LEU A 28 5.52 -4.91 -1.60
CA LEU A 28 4.23 -4.48 -1.09
C LEU A 28 3.87 -5.24 0.19
N GLN A 29 3.93 -6.57 0.13
CA GLN A 29 3.62 -7.41 1.28
C GLN A 29 4.43 -6.98 2.50
N GLU A 30 5.73 -6.80 2.31
CA GLU A 30 6.61 -6.39 3.40
C GLU A 30 6.16 -5.06 4.00
N HIS A 31 5.31 -4.36 3.27
CA HIS A 31 4.79 -3.07 3.73
C HIS A 31 3.43 -3.24 4.40
N GLN A 32 2.52 -3.94 3.72
CA GLN A 32 1.18 -4.16 4.26
C GLN A 32 1.25 -4.55 5.74
N ARG A 33 2.37 -5.11 6.15
CA ARG A 33 2.56 -5.52 7.54
C ARG A 33 2.23 -4.37 8.49
N ILE A 34 2.78 -3.20 8.22
CA ILE A 34 2.55 -2.03 9.05
C ILE A 34 1.08 -1.93 9.46
N HIS A 35 0.20 -2.44 8.60
CA HIS A 35 -1.24 -2.41 8.86
C HIS A 35 -1.63 -3.55 9.80
N THR A 36 -1.27 -4.77 9.43
CA THR A 36 -1.59 -5.94 10.24
C THR A 36 -1.47 -5.62 11.73
N GLY A 37 -2.61 -5.35 12.36
CA GLY A 37 -2.61 -5.05 13.79
C GLY A 37 -2.83 -6.28 14.64
N GLU A 38 -3.75 -6.17 15.60
CA GLU A 38 -4.04 -7.28 16.50
C GLU A 38 -4.92 -8.33 15.79
N LYS A 39 -4.38 -8.92 14.73
CA LYS A 39 -5.10 -9.93 13.97
C LYS A 39 -4.17 -10.69 13.05
N PRO A 40 -4.51 -11.96 12.78
CA PRO A 40 -3.71 -12.83 11.90
C PRO A 40 -3.77 -12.39 10.44
N SER A 41 -3.06 -13.12 9.59
CA SER A 41 -3.03 -12.81 8.16
C SER A 41 -4.22 -13.42 7.44
N GLY A 42 -5.26 -12.61 7.24
CA GLY A 42 -6.45 -13.10 6.56
C GLY A 42 -6.91 -14.44 7.08
N PRO A 43 -7.48 -14.45 8.31
CA PRO A 43 -7.97 -15.67 8.93
C PRO A 43 -9.22 -16.23 8.25
N SER A 44 -9.01 -17.05 7.22
CA SER A 44 -10.11 -17.63 6.49
C SER A 44 -11.08 -18.35 7.42
N SER A 45 -12.37 -18.09 7.25
CA SER A 45 -13.40 -18.70 8.08
C SER A 45 -13.69 -20.13 7.62
N GLY A 46 -14.03 -20.28 6.34
CA GLY A 46 -14.33 -21.59 5.81
C GLY A 46 -15.05 -21.52 4.47
N GLY A 1 5.29 28.93 -14.02
CA GLY A 1 5.49 27.58 -14.50
C GLY A 1 4.35 26.66 -14.15
N SER A 2 4.25 25.55 -14.87
CA SER A 2 3.18 24.58 -14.64
C SER A 2 3.75 23.20 -14.32
N SER A 3 2.87 22.25 -14.05
CA SER A 3 3.29 20.89 -13.72
C SER A 3 3.87 20.20 -14.95
N GLY A 4 3.20 20.35 -16.08
CA GLY A 4 3.67 19.74 -17.32
C GLY A 4 3.48 18.24 -17.32
N SER A 5 2.80 17.73 -18.35
CA SER A 5 2.54 16.30 -18.47
C SER A 5 3.81 15.55 -18.88
N SER A 6 4.67 15.27 -17.90
CA SER A 6 5.91 14.56 -18.16
C SER A 6 6.26 13.63 -17.01
N GLY A 7 6.11 12.33 -17.24
CA GLY A 7 6.42 11.34 -16.20
C GLY A 7 5.34 10.30 -16.07
N THR A 8 5.64 9.23 -15.33
CA THR A 8 4.68 8.15 -15.12
C THR A 8 5.12 7.24 -13.98
N GLY A 9 4.15 6.78 -13.20
CA GLY A 9 4.46 5.90 -12.09
C GLY A 9 3.62 4.64 -12.10
N GLU A 10 3.87 3.77 -13.08
CA GLU A 10 3.13 2.52 -13.19
C GLU A 10 3.70 1.46 -12.25
N LYS A 11 2.81 0.73 -11.58
CA LYS A 11 3.23 -0.30 -10.64
C LYS A 11 2.19 -1.43 -10.60
N PRO A 12 2.65 -2.67 -10.84
CA PRO A 12 1.79 -3.85 -10.82
C PRO A 12 1.30 -4.20 -9.42
N TYR A 13 1.68 -3.38 -8.44
CA TYR A 13 1.30 -3.60 -7.06
C TYR A 13 0.95 -2.28 -6.37
N ASN A 14 0.05 -2.34 -5.41
CA ASN A 14 -0.36 -1.16 -4.66
C ASN A 14 -1.07 -1.54 -3.37
N CYS A 15 -0.84 -0.75 -2.32
CA CYS A 15 -1.45 -1.01 -1.02
C CYS A 15 -2.89 -0.50 -0.99
N GLU A 16 -3.84 -1.43 -0.85
CA GLU A 16 -5.25 -1.07 -0.81
C GLU A 16 -5.67 -0.65 0.60
N GLU A 17 -4.68 -0.33 1.43
CA GLU A 17 -4.94 0.07 2.81
C GLU A 17 -4.67 1.56 2.99
N CYS A 18 -3.62 2.05 2.34
CA CYS A 18 -3.24 3.45 2.43
C CYS A 18 -3.32 4.14 1.07
N GLY A 19 -2.71 3.50 0.07
CA GLY A 19 -2.72 4.06 -1.28
C GLY A 19 -1.33 4.23 -1.85
N LYS A 20 -0.47 3.24 -1.61
CA LYS A 20 0.90 3.29 -2.10
C LYS A 20 1.09 2.30 -3.25
N ALA A 21 2.16 2.48 -4.01
CA ALA A 21 2.47 1.61 -5.14
C ALA A 21 3.75 0.82 -4.89
N PHE A 22 3.84 -0.35 -5.51
CA PHE A 22 5.01 -1.21 -5.36
C PHE A 22 5.37 -1.89 -6.68
N ILE A 23 6.67 -2.09 -6.90
CA ILE A 23 7.14 -2.73 -8.13
C ILE A 23 6.86 -4.24 -8.10
N HIS A 24 7.26 -4.88 -7.01
CA HIS A 24 7.06 -6.32 -6.86
C HIS A 24 6.14 -6.62 -5.68
N ASP A 25 5.86 -7.89 -5.46
CA ASP A 25 4.99 -8.32 -4.37
C ASP A 25 5.71 -8.21 -3.03
N SER A 26 6.78 -8.99 -2.87
CA SER A 26 7.56 -8.99 -1.64
C SER A 26 7.66 -7.58 -1.07
N GLN A 27 7.82 -6.60 -1.94
CA GLN A 27 7.93 -5.21 -1.52
C GLN A 27 6.64 -4.73 -0.87
N LEU A 28 5.53 -4.88 -1.60
CA LEU A 28 4.22 -4.45 -1.10
C LEU A 28 3.86 -5.24 0.16
N GLN A 29 3.95 -6.56 0.08
CA GLN A 29 3.63 -7.42 1.21
C GLN A 29 4.41 -7.00 2.45
N GLU A 30 5.72 -6.86 2.31
CA GLU A 30 6.58 -6.46 3.41
C GLU A 30 6.11 -5.15 4.02
N HIS A 31 5.30 -4.42 3.27
CA HIS A 31 4.77 -3.13 3.75
C HIS A 31 3.41 -3.30 4.41
N GLN A 32 2.48 -3.92 3.68
CA GLN A 32 1.14 -4.15 4.20
C GLN A 32 1.18 -4.52 5.68
N ARG A 33 2.31 -5.09 6.11
CA ARG A 33 2.47 -5.51 7.49
C ARG A 33 2.12 -4.36 8.44
N ILE A 34 2.67 -3.19 8.16
CA ILE A 34 2.43 -2.01 8.98
C ILE A 34 0.94 -1.87 9.30
N HIS A 35 0.10 -2.44 8.45
CA HIS A 35 -1.35 -2.37 8.65
C HIS A 35 -1.82 -3.51 9.55
N THR A 36 -1.46 -4.74 9.19
CA THR A 36 -1.85 -5.91 9.96
C THR A 36 -1.90 -5.60 11.45
N GLY A 37 -0.80 -5.06 11.97
CA GLY A 37 -0.74 -4.72 13.38
C GLY A 37 -0.53 -3.23 13.61
N GLU A 38 -1.61 -2.46 13.53
CA GLU A 38 -1.54 -1.02 13.73
C GLU A 38 -2.45 -0.57 14.87
N LYS A 39 -1.87 0.13 15.83
CA LYS A 39 -2.64 0.62 16.98
C LYS A 39 -4.01 1.11 16.55
N PRO A 40 -5.00 0.99 17.46
CA PRO A 40 -6.38 1.41 17.19
C PRO A 40 -6.50 2.93 17.12
N SER A 41 -7.59 3.41 16.54
CA SER A 41 -7.83 4.84 16.42
C SER A 41 -8.46 5.41 17.69
N GLY A 42 -7.65 5.51 18.74
CA GLY A 42 -8.15 6.03 20.00
C GLY A 42 -8.77 4.95 20.87
N PRO A 43 -7.94 4.02 21.35
CA PRO A 43 -8.41 2.92 22.21
C PRO A 43 -8.84 3.40 23.59
N SER A 44 -9.78 2.68 24.19
CA SER A 44 -10.28 3.03 25.51
C SER A 44 -9.39 2.45 26.61
N SER A 45 -9.36 3.13 27.75
CA SER A 45 -8.54 2.68 28.87
C SER A 45 -7.06 2.64 28.50
N GLY A 46 -6.57 3.74 27.93
CA GLY A 46 -5.18 3.82 27.53
C GLY A 46 -4.61 5.21 27.65
N GLY A 1 -5.51 25.77 -9.62
CA GLY A 1 -4.53 24.75 -9.92
C GLY A 1 -5.01 23.36 -9.55
N SER A 2 -4.93 22.44 -10.51
CA SER A 2 -5.35 21.06 -10.29
C SER A 2 -4.30 20.07 -10.78
N SER A 3 -3.40 19.68 -9.88
CA SER A 3 -2.34 18.75 -10.21
C SER A 3 -2.83 17.31 -10.07
N GLY A 4 -3.48 16.81 -11.12
CA GLY A 4 -4.00 15.45 -11.09
C GLY A 4 -4.50 14.99 -12.45
N SER A 5 -4.04 13.83 -12.88
CA SER A 5 -4.43 13.27 -14.18
C SER A 5 -3.87 11.87 -14.36
N SER A 6 -4.71 10.98 -14.89
CA SER A 6 -4.30 9.60 -15.13
C SER A 6 -2.99 9.54 -15.91
N GLY A 7 -1.95 8.98 -15.29
CA GLY A 7 -0.66 8.88 -15.93
C GLY A 7 0.37 8.19 -15.06
N THR A 8 1.33 8.96 -14.55
CA THR A 8 2.37 8.41 -13.70
C THR A 8 1.81 7.40 -12.71
N GLY A 9 2.46 6.23 -12.63
CA GLY A 9 2.01 5.20 -11.72
C GLY A 9 1.66 3.91 -12.44
N GLU A 10 2.69 3.21 -12.92
CA GLU A 10 2.48 1.96 -13.63
C GLU A 10 2.87 0.77 -12.76
N LYS A 11 3.10 1.03 -11.48
CA LYS A 11 3.48 -0.02 -10.53
C LYS A 11 2.47 -1.17 -10.58
N PRO A 12 2.99 -2.39 -10.81
CA PRO A 12 2.16 -3.60 -10.88
C PRO A 12 1.59 -3.99 -9.52
N TYR A 13 1.87 -3.17 -8.51
CA TYR A 13 1.38 -3.43 -7.16
C TYR A 13 0.99 -2.14 -6.47
N ASN A 14 0.02 -2.23 -5.56
CA ASN A 14 -0.45 -1.07 -4.82
C ASN A 14 -1.15 -1.49 -3.53
N CYS A 15 -1.00 -0.68 -2.49
CA CYS A 15 -1.62 -0.97 -1.20
C CYS A 15 -3.05 -0.44 -1.15
N GLU A 16 -4.00 -1.35 -0.98
CA GLU A 16 -5.41 -0.98 -0.91
C GLU A 16 -5.81 -0.59 0.51
N GLU A 17 -4.82 -0.27 1.33
CA GLU A 17 -5.06 0.10 2.72
C GLU A 17 -4.74 1.57 2.95
N CYS A 18 -3.67 2.04 2.31
CA CYS A 18 -3.24 3.43 2.45
C CYS A 18 -3.27 4.13 1.09
N GLY A 19 -2.65 3.51 0.09
CA GLY A 19 -2.61 4.09 -1.23
C GLY A 19 -1.19 4.24 -1.76
N LYS A 20 -0.37 3.23 -1.53
CA LYS A 20 1.02 3.25 -1.98
C LYS A 20 1.21 2.33 -3.18
N ALA A 21 2.32 2.52 -3.89
CA ALA A 21 2.63 1.72 -5.07
C ALA A 21 3.91 0.91 -4.86
N PHE A 22 3.95 -0.28 -5.45
CA PHE A 22 5.11 -1.15 -5.32
C PHE A 22 5.44 -1.81 -6.66
N ILE A 23 6.70 -2.20 -6.82
CA ILE A 23 7.14 -2.85 -8.05
C ILE A 23 7.03 -4.36 -7.96
N HIS A 24 7.46 -4.91 -6.82
CA HIS A 24 7.41 -6.35 -6.60
C HIS A 24 6.45 -6.69 -5.46
N ASP A 25 5.86 -7.88 -5.53
CA ASP A 25 4.91 -8.32 -4.52
C ASP A 25 5.56 -8.31 -3.14
N SER A 26 6.74 -8.90 -3.04
CA SER A 26 7.47 -8.97 -1.76
C SER A 26 7.53 -7.60 -1.12
N GLN A 27 7.83 -6.58 -1.92
CA GLN A 27 7.93 -5.21 -1.41
C GLN A 27 6.61 -4.77 -0.77
N LEU A 28 5.52 -4.87 -1.53
CA LEU A 28 4.20 -4.49 -1.03
C LEU A 28 3.83 -5.29 0.21
N GLN A 29 3.95 -6.61 0.11
CA GLN A 29 3.62 -7.50 1.22
C GLN A 29 4.41 -7.09 2.47
N GLU A 30 5.70 -6.82 2.29
CA GLU A 30 6.56 -6.44 3.40
C GLU A 30 6.11 -5.10 4.00
N HIS A 31 5.17 -4.45 3.33
CA HIS A 31 4.66 -3.16 3.80
C HIS A 31 3.28 -3.33 4.44
N GLN A 32 2.40 -4.06 3.75
CA GLN A 32 1.04 -4.29 4.26
C GLN A 32 1.08 -4.74 5.72
N ARG A 33 2.24 -5.23 6.15
CA ARG A 33 2.40 -5.69 7.53
C ARG A 33 2.23 -4.54 8.52
N ILE A 34 2.72 -3.37 8.13
CA ILE A 34 2.62 -2.19 8.98
C ILE A 34 1.17 -1.90 9.36
N HIS A 35 0.25 -2.32 8.51
CA HIS A 35 -1.18 -2.12 8.77
C HIS A 35 -1.69 -3.13 9.79
N THR A 36 -1.03 -4.28 9.87
CA THR A 36 -1.42 -5.33 10.81
C THR A 36 -0.89 -5.04 12.21
N GLY A 37 -1.44 -4.02 12.85
CA GLY A 37 -1.00 -3.66 14.19
C GLY A 37 -2.17 -3.45 15.15
N GLU A 38 -1.86 -3.18 16.41
CA GLU A 38 -2.88 -2.97 17.41
C GLU A 38 -3.06 -1.48 17.70
N LYS A 39 -3.94 -0.84 16.94
CA LYS A 39 -4.21 0.58 17.12
C LYS A 39 -5.20 0.82 18.25
N PRO A 40 -5.06 1.97 18.93
CA PRO A 40 -5.95 2.34 20.04
C PRO A 40 -7.36 2.66 19.58
N SER A 41 -8.13 3.32 20.45
CA SER A 41 -9.50 3.69 20.13
C SER A 41 -9.54 4.64 18.94
N GLY A 42 -8.37 5.10 18.51
CA GLY A 42 -8.30 6.00 17.38
C GLY A 42 -7.09 6.92 17.45
N PRO A 43 -5.94 6.44 16.95
CA PRO A 43 -4.69 7.20 16.95
C PRO A 43 -4.73 8.39 15.99
N SER A 44 -5.83 8.49 15.24
CA SER A 44 -6.00 9.58 14.27
C SER A 44 -4.65 9.94 13.64
N SER A 45 -3.84 8.93 13.37
CA SER A 45 -2.53 9.15 12.76
C SER A 45 -1.96 7.83 12.22
N GLY A 46 -1.48 7.88 10.98
CA GLY A 46 -0.93 6.68 10.36
C GLY A 46 -1.44 6.47 8.95
N GLY A 1 -7.64 20.57 -12.83
CA GLY A 1 -6.34 19.97 -13.03
C GLY A 1 -6.43 18.64 -13.77
N SER A 2 -6.43 17.55 -13.01
CA SER A 2 -6.50 16.21 -13.60
C SER A 2 -5.74 16.16 -14.92
N SER A 3 -4.56 16.78 -14.94
CA SER A 3 -3.74 16.80 -16.14
C SER A 3 -3.57 15.40 -16.72
N GLY A 4 -2.98 14.51 -15.93
CA GLY A 4 -2.77 13.15 -16.38
C GLY A 4 -1.32 12.87 -16.74
N SER A 5 -0.72 11.91 -16.06
CA SER A 5 0.67 11.55 -16.31
C SER A 5 0.78 10.55 -17.46
N SER A 6 1.90 10.59 -18.17
CA SER A 6 2.13 9.69 -19.30
C SER A 6 1.50 8.33 -19.04
N GLY A 7 1.76 7.77 -17.86
CA GLY A 7 1.21 6.47 -17.51
C GLY A 7 1.70 5.37 -18.44
N THR A 8 3.01 5.19 -18.51
CA THR A 8 3.59 4.17 -19.37
C THR A 8 3.66 2.83 -18.65
N GLY A 9 4.32 2.80 -17.50
CA GLY A 9 4.45 1.58 -16.73
C GLY A 9 4.16 1.78 -15.26
N GLU A 10 2.88 1.86 -14.91
CA GLU A 10 2.47 2.05 -13.53
C GLU A 10 2.88 0.86 -12.67
N LYS A 11 3.01 1.09 -11.36
CA LYS A 11 3.39 0.04 -10.43
C LYS A 11 2.40 -1.12 -10.48
N PRO A 12 2.91 -2.33 -10.72
CA PRO A 12 2.09 -3.54 -10.81
C PRO A 12 1.53 -3.94 -9.44
N TYR A 13 1.82 -3.14 -8.43
CA TYR A 13 1.34 -3.42 -7.08
C TYR A 13 0.93 -2.13 -6.37
N ASN A 14 0.00 -2.25 -5.42
CA ASN A 14 -0.47 -1.10 -4.67
C ASN A 14 -1.14 -1.53 -3.37
N CYS A 15 -1.28 -0.59 -2.44
CA CYS A 15 -1.91 -0.88 -1.16
C CYS A 15 -3.27 -0.19 -1.06
N GLU A 16 -4.33 -0.99 -0.96
CA GLU A 16 -5.68 -0.47 -0.86
C GLU A 16 -5.92 0.12 0.53
N GLU A 17 -5.04 -0.20 1.47
CA GLU A 17 -5.17 0.30 2.83
C GLU A 17 -4.81 1.78 2.91
N CYS A 18 -3.67 2.15 2.32
CA CYS A 18 -3.22 3.53 2.32
C CYS A 18 -3.18 4.09 0.90
N GLY A 19 -2.55 3.34 0.00
CA GLY A 19 -2.46 3.78 -1.38
C GLY A 19 -1.02 3.89 -1.85
N LYS A 20 -0.14 3.04 -1.31
CA LYS A 20 1.27 3.06 -1.68
C LYS A 20 1.55 2.06 -2.80
N ALA A 21 2.11 2.56 -3.90
CA ALA A 21 2.43 1.72 -5.05
C ALA A 21 3.76 1.00 -4.84
N PHE A 22 3.88 -0.18 -5.44
CA PHE A 22 5.11 -0.96 -5.32
C PHE A 22 5.47 -1.60 -6.65
N ILE A 23 6.72 -2.05 -6.77
CA ILE A 23 7.20 -2.67 -7.99
C ILE A 23 7.05 -4.18 -7.94
N HIS A 24 7.51 -4.78 -6.83
CA HIS A 24 7.42 -6.22 -6.65
C HIS A 24 6.50 -6.56 -5.50
N ASP A 25 5.96 -7.78 -5.52
CA ASP A 25 5.05 -8.23 -4.47
C ASP A 25 5.74 -8.20 -3.10
N SER A 26 6.86 -8.91 -3.01
CA SER A 26 7.61 -8.97 -1.75
C SER A 26 7.74 -7.58 -1.13
N GLN A 27 7.85 -6.57 -1.98
CA GLN A 27 7.97 -5.20 -1.50
C GLN A 27 6.67 -4.71 -0.87
N LEU A 28 5.56 -5.00 -1.53
CA LEU A 28 4.24 -4.60 -1.04
C LEU A 28 3.88 -5.38 0.22
N GLN A 29 4.05 -6.70 0.17
CA GLN A 29 3.73 -7.55 1.31
C GLN A 29 4.50 -7.12 2.55
N GLU A 30 5.79 -6.82 2.36
CA GLU A 30 6.64 -6.39 3.46
C GLU A 30 6.16 -5.07 4.04
N HIS A 31 5.24 -4.42 3.33
CA HIS A 31 4.69 -3.14 3.77
C HIS A 31 3.32 -3.32 4.41
N GLN A 32 2.48 -4.14 3.79
CA GLN A 32 1.15 -4.40 4.31
C GLN A 32 1.20 -4.85 5.77
N ARG A 33 2.34 -5.40 6.17
CA ARG A 33 2.52 -5.88 7.53
C ARG A 33 2.32 -4.74 8.53
N ILE A 34 2.59 -3.52 8.08
CA ILE A 34 2.44 -2.35 8.94
C ILE A 34 0.99 -2.13 9.33
N HIS A 35 0.08 -2.42 8.40
CA HIS A 35 -1.35 -2.26 8.65
C HIS A 35 -1.88 -3.38 9.55
N THR A 36 -1.55 -4.62 9.19
CA THR A 36 -1.99 -5.78 9.96
C THR A 36 -1.74 -5.57 11.44
N GLY A 37 -0.57 -5.03 11.78
CA GLY A 37 -0.24 -4.79 13.17
C GLY A 37 -1.31 -4.00 13.90
N GLU A 38 -1.34 -2.69 13.67
CA GLU A 38 -2.32 -1.83 14.32
C GLU A 38 -3.73 -2.15 13.83
N LYS A 39 -4.51 -2.79 14.68
CA LYS A 39 -5.88 -3.16 14.34
C LYS A 39 -6.87 -2.52 15.31
N PRO A 40 -8.02 -2.07 14.78
CA PRO A 40 -9.06 -1.44 15.59
C PRO A 40 -9.77 -2.44 16.50
N SER A 41 -10.93 -2.03 17.01
CA SER A 41 -11.70 -2.89 17.91
C SER A 41 -11.56 -4.35 17.51
N GLY A 42 -12.23 -4.75 16.43
CA GLY A 42 -12.17 -6.11 15.96
C GLY A 42 -12.79 -6.29 14.59
N PRO A 43 -12.01 -6.02 13.54
CA PRO A 43 -12.48 -6.15 12.15
C PRO A 43 -12.71 -7.61 11.75
N SER A 44 -11.71 -8.45 12.00
CA SER A 44 -11.79 -9.86 11.65
C SER A 44 -10.58 -10.62 12.18
N SER A 45 -10.84 -11.68 12.95
CA SER A 45 -9.77 -12.49 13.51
C SER A 45 -9.40 -13.64 12.57
N GLY A 46 -8.21 -13.55 11.99
CA GLY A 46 -7.75 -14.58 11.08
C GLY A 46 -6.63 -14.10 10.18
N GLY A 1 1.69 24.59 -2.29
CA GLY A 1 1.64 24.04 -3.63
C GLY A 1 1.60 22.53 -3.64
N SER A 2 0.48 21.97 -4.12
CA SER A 2 0.30 20.53 -4.17
C SER A 2 -0.07 20.08 -5.58
N SER A 3 0.76 19.23 -6.17
CA SER A 3 0.52 18.72 -7.52
C SER A 3 0.98 17.28 -7.64
N GLY A 4 0.31 16.52 -8.51
CA GLY A 4 0.67 15.13 -8.70
C GLY A 4 2.05 14.96 -9.30
N SER A 5 2.29 13.81 -9.91
CA SER A 5 3.58 13.53 -10.52
C SER A 5 3.49 12.36 -11.50
N SER A 6 4.59 12.08 -12.19
CA SER A 6 4.62 10.99 -13.15
C SER A 6 5.97 10.29 -13.14
N GLY A 7 5.95 8.96 -13.28
CA GLY A 7 7.19 8.20 -13.27
C GLY A 7 7.43 7.49 -14.59
N THR A 8 8.55 6.77 -14.68
CA THR A 8 8.89 6.04 -15.89
C THR A 8 7.77 5.09 -16.30
N GLY A 9 7.21 4.40 -15.32
CA GLY A 9 6.13 3.47 -15.59
C GLY A 9 5.08 3.45 -14.50
N GLU A 10 4.40 2.32 -14.35
CA GLU A 10 3.37 2.18 -13.34
C GLU A 10 3.58 0.92 -12.51
N LYS A 11 3.43 1.05 -11.19
CA LYS A 11 3.61 -0.09 -10.29
C LYS A 11 2.45 -1.06 -10.41
N PRO A 12 2.76 -2.31 -10.77
CA PRO A 12 1.75 -3.37 -10.91
C PRO A 12 1.15 -3.79 -9.58
N TYR A 13 1.56 -3.12 -8.51
CA TYR A 13 1.05 -3.44 -7.18
C TYR A 13 0.75 -2.16 -6.41
N ASN A 14 -0.16 -2.26 -5.43
CA ASN A 14 -0.54 -1.12 -4.62
C ASN A 14 -1.23 -1.57 -3.33
N CYS A 15 -1.16 -0.74 -2.30
CA CYS A 15 -1.78 -1.05 -1.02
C CYS A 15 -3.18 -0.43 -0.92
N GLU A 16 -4.20 -1.29 -0.96
CA GLU A 16 -5.58 -0.83 -0.87
C GLU A 16 -5.86 -0.20 0.49
N GLU A 17 -4.96 -0.44 1.44
CA GLU A 17 -5.12 0.10 2.79
C GLU A 17 -4.84 1.60 2.81
N CYS A 18 -3.64 1.97 2.37
CA CYS A 18 -3.24 3.38 2.34
C CYS A 18 -3.20 3.90 0.91
N GLY A 19 -2.57 3.14 0.03
CA GLY A 19 -2.47 3.54 -1.36
C GLY A 19 -1.03 3.71 -1.82
N LYS A 20 -0.17 2.79 -1.40
CA LYS A 20 1.24 2.84 -1.77
C LYS A 20 1.54 1.86 -2.90
N ALA A 21 2.02 2.38 -4.03
CA ALA A 21 2.35 1.55 -5.18
C ALA A 21 3.64 0.78 -4.94
N PHE A 22 3.72 -0.42 -5.50
CA PHE A 22 4.90 -1.26 -5.35
C PHE A 22 5.27 -1.93 -6.67
N ILE A 23 6.57 -2.03 -6.94
CA ILE A 23 7.05 -2.65 -8.17
C ILE A 23 7.05 -4.17 -8.06
N HIS A 24 7.43 -4.67 -6.90
CA HIS A 24 7.47 -6.11 -6.66
C HIS A 24 6.54 -6.50 -5.52
N ASP A 25 5.79 -7.59 -5.70
CA ASP A 25 4.87 -8.07 -4.69
C ASP A 25 5.53 -8.10 -3.32
N SER A 26 6.71 -8.74 -3.26
CA SER A 26 7.44 -8.85 -2.01
C SER A 26 7.49 -7.51 -1.28
N GLN A 27 7.71 -6.44 -2.03
CA GLN A 27 7.79 -5.11 -1.47
C GLN A 27 6.46 -4.71 -0.81
N LEU A 28 5.38 -4.86 -1.56
CA LEU A 28 4.04 -4.52 -1.05
C LEU A 28 3.74 -5.30 0.23
N GLN A 29 3.88 -6.62 0.17
CA GLN A 29 3.62 -7.47 1.32
C GLN A 29 4.43 -7.00 2.53
N GLU A 30 5.73 -6.79 2.32
CA GLU A 30 6.61 -6.35 3.38
C GLU A 30 6.12 -5.05 4.00
N HIS A 31 5.24 -4.35 3.27
CA HIS A 31 4.69 -3.08 3.74
C HIS A 31 3.38 -3.30 4.48
N GLN A 32 2.43 -3.95 3.82
CA GLN A 32 1.14 -4.22 4.43
C GLN A 32 1.28 -4.57 5.91
N ARG A 33 2.43 -5.11 6.27
CA ARG A 33 2.71 -5.49 7.65
C ARG A 33 2.36 -4.35 8.60
N ILE A 34 2.80 -3.15 8.26
CA ILE A 34 2.54 -1.97 9.08
C ILE A 34 1.06 -1.86 9.44
N HIS A 35 0.21 -2.45 8.59
CA HIS A 35 -1.23 -2.42 8.82
C HIS A 35 -1.65 -3.56 9.74
N THR A 36 -0.96 -4.68 9.64
CA THR A 36 -1.27 -5.85 10.45
C THR A 36 -0.83 -5.64 11.89
N GLY A 37 0.35 -5.04 12.07
CA GLY A 37 0.87 -4.78 13.40
C GLY A 37 -0.10 -3.99 14.25
N GLU A 38 -0.39 -2.76 13.83
CA GLU A 38 -1.29 -1.89 14.57
C GLU A 38 -2.42 -1.38 13.66
N LYS A 39 -3.29 -0.56 14.22
CA LYS A 39 -4.42 -0.01 13.47
C LYS A 39 -4.30 1.51 13.36
N PRO A 40 -4.64 2.05 12.18
CA PRO A 40 -4.57 3.49 11.92
C PRO A 40 -5.64 4.26 12.69
N SER A 41 -5.55 5.58 12.67
CA SER A 41 -6.50 6.44 13.36
C SER A 41 -7.93 6.00 13.07
N GLY A 42 -8.33 6.10 11.81
CA GLY A 42 -9.69 5.72 11.42
C GLY A 42 -9.73 5.12 10.04
N PRO A 43 -9.47 3.80 9.95
CA PRO A 43 -9.48 3.08 8.67
C PRO A 43 -10.88 2.93 8.10
N SER A 44 -10.96 2.78 6.78
CA SER A 44 -12.26 2.64 6.12
C SER A 44 -12.22 1.48 5.12
N SER A 45 -11.26 1.53 4.20
CA SER A 45 -11.11 0.49 3.19
C SER A 45 -10.17 -0.60 3.67
N GLY A 46 -10.71 -1.80 3.89
CA GLY A 46 -9.91 -2.92 4.35
C GLY A 46 -8.91 -3.38 3.30
N GLY A 1 -17.89 2.22 -13.02
CA GLY A 1 -17.89 3.35 -13.92
C GLY A 1 -16.51 3.91 -14.15
N SER A 2 -15.97 4.60 -13.15
CA SER A 2 -14.64 5.19 -13.24
C SER A 2 -13.58 4.26 -12.68
N SER A 3 -12.71 3.75 -13.55
CA SER A 3 -11.65 2.85 -13.14
C SER A 3 -10.41 3.62 -12.70
N GLY A 4 -10.02 4.60 -13.51
CA GLY A 4 -8.85 5.41 -13.18
C GLY A 4 -7.79 5.34 -14.27
N SER A 5 -7.46 6.48 -14.85
CA SER A 5 -6.45 6.55 -15.90
C SER A 5 -5.26 5.65 -15.56
N SER A 6 -5.17 4.52 -16.25
CA SER A 6 -4.08 3.58 -16.02
C SER A 6 -2.74 4.30 -15.95
N GLY A 7 -2.44 5.08 -16.99
CA GLY A 7 -1.19 5.82 -17.01
C GLY A 7 0.00 4.92 -17.31
N THR A 8 0.33 4.77 -18.58
CA THR A 8 1.45 3.93 -18.99
C THR A 8 2.62 4.08 -18.03
N GLY A 9 3.19 2.95 -17.62
CA GLY A 9 4.31 2.98 -16.71
C GLY A 9 3.89 3.28 -15.27
N GLU A 10 3.50 2.25 -14.54
CA GLU A 10 3.07 2.41 -13.16
C GLU A 10 3.25 1.11 -12.38
N LYS A 11 3.54 1.23 -11.09
CA LYS A 11 3.73 0.09 -10.23
C LYS A 11 2.56 -0.90 -10.36
N PRO A 12 2.89 -2.15 -10.73
CA PRO A 12 1.88 -3.20 -10.90
C PRO A 12 1.27 -3.64 -9.57
N TYR A 13 1.68 -2.99 -8.49
CA TYR A 13 1.17 -3.31 -7.17
C TYR A 13 0.77 -2.05 -6.41
N ASN A 14 -0.18 -2.20 -5.49
CA ASN A 14 -0.66 -1.06 -4.70
C ASN A 14 -1.29 -1.55 -3.40
N CYS A 15 -1.09 -0.79 -2.33
CA CYS A 15 -1.65 -1.13 -1.03
C CYS A 15 -3.10 -0.66 -0.92
N GLU A 16 -3.99 -1.60 -0.60
CA GLU A 16 -5.41 -1.29 -0.48
C GLU A 16 -5.68 -0.57 0.85
N GLU A 17 -4.71 -0.63 1.75
CA GLU A 17 -4.85 0.01 3.06
C GLU A 17 -4.61 1.51 2.96
N CYS A 18 -3.50 1.88 2.31
CA CYS A 18 -3.14 3.29 2.14
C CYS A 18 -3.23 3.70 0.68
N GLY A 19 -2.61 2.92 -0.19
CA GLY A 19 -2.62 3.21 -1.61
C GLY A 19 -1.23 3.25 -2.22
N LYS A 20 -0.22 3.16 -1.36
CA LYS A 20 1.16 3.19 -1.82
C LYS A 20 1.39 2.19 -2.95
N ALA A 21 2.24 2.56 -3.90
CA ALA A 21 2.54 1.70 -5.04
C ALA A 21 3.79 0.87 -4.79
N PHE A 22 3.94 -0.23 -5.51
CA PHE A 22 5.09 -1.11 -5.37
C PHE A 22 5.43 -1.76 -6.70
N ILE A 23 6.73 -1.98 -6.92
CA ILE A 23 7.20 -2.60 -8.16
C ILE A 23 7.01 -4.11 -8.11
N HIS A 24 7.44 -4.73 -7.01
CA HIS A 24 7.30 -6.17 -6.84
C HIS A 24 6.26 -6.50 -5.78
N ASP A 25 6.01 -7.79 -5.60
CA ASP A 25 5.03 -8.24 -4.62
C ASP A 25 5.65 -8.33 -3.23
N SER A 26 6.77 -9.03 -3.12
CA SER A 26 7.46 -9.18 -1.85
C SER A 26 7.66 -7.84 -1.17
N GLN A 27 7.61 -6.77 -1.95
CA GLN A 27 7.77 -5.42 -1.43
C GLN A 27 6.49 -4.93 -0.77
N LEU A 28 5.41 -4.90 -1.55
CA LEU A 28 4.11 -4.44 -1.05
C LEU A 28 3.70 -5.23 0.19
N GLN A 29 3.77 -6.56 0.09
CA GLN A 29 3.41 -7.43 1.19
C GLN A 29 4.22 -7.10 2.43
N GLU A 30 5.52 -6.91 2.26
CA GLU A 30 6.41 -6.59 3.37
C GLU A 30 6.02 -5.26 4.00
N HIS A 31 5.21 -4.49 3.29
CA HIS A 31 4.77 -3.19 3.77
C HIS A 31 3.41 -3.29 4.47
N GLN A 32 2.45 -3.91 3.78
CA GLN A 32 1.11 -4.09 4.33
C GLN A 32 1.17 -4.40 5.82
N ARG A 33 2.28 -4.98 6.26
CA ARG A 33 2.46 -5.34 7.66
C ARG A 33 2.16 -4.14 8.56
N ILE A 34 2.72 -2.99 8.22
CA ILE A 34 2.51 -1.78 9.00
C ILE A 34 1.03 -1.58 9.32
N HIS A 35 0.16 -2.16 8.50
CA HIS A 35 -1.27 -2.06 8.70
C HIS A 35 -1.78 -3.18 9.60
N THR A 36 -1.49 -4.42 9.23
CA THR A 36 -1.92 -5.58 10.00
C THR A 36 -1.79 -5.32 11.49
N GLY A 37 -0.70 -4.67 11.89
CA GLY A 37 -0.49 -4.36 13.29
C GLY A 37 -0.56 -5.60 14.16
N GLU A 38 0.07 -6.68 13.72
CA GLU A 38 0.06 -7.92 14.47
C GLU A 38 1.40 -8.65 14.34
N LYS A 39 1.89 -9.20 15.44
CA LYS A 39 3.16 -9.91 15.45
C LYS A 39 3.10 -11.12 16.38
N PRO A 40 3.68 -12.24 15.94
CA PRO A 40 3.72 -13.48 16.71
C PRO A 40 4.62 -13.37 17.94
N SER A 41 4.83 -14.50 18.62
CA SER A 41 5.67 -14.53 19.81
C SER A 41 7.07 -15.01 19.46
N GLY A 42 7.95 -14.07 19.13
CA GLY A 42 9.31 -14.42 18.78
C GLY A 42 9.39 -15.46 17.68
N PRO A 43 9.04 -15.06 16.45
CA PRO A 43 9.06 -15.95 15.30
C PRO A 43 10.48 -16.33 14.87
N SER A 44 11.32 -15.32 14.71
CA SER A 44 12.70 -15.54 14.30
C SER A 44 13.50 -14.24 14.35
N SER A 45 14.74 -14.32 14.81
CA SER A 45 15.61 -13.15 14.91
C SER A 45 14.81 -11.92 15.33
N GLY A 46 13.92 -12.11 16.31
CA GLY A 46 13.11 -11.00 16.79
C GLY A 46 13.46 -10.61 18.21
N GLY A 1 -16.79 17.16 -2.35
CA GLY A 1 -15.85 16.12 -2.77
C GLY A 1 -14.41 16.49 -2.48
N SER A 2 -13.62 16.66 -3.53
CA SER A 2 -12.22 17.00 -3.38
C SER A 2 -11.48 15.97 -2.52
N SER A 3 -11.80 14.70 -2.75
CA SER A 3 -11.17 13.62 -1.99
C SER A 3 -9.67 13.59 -2.20
N GLY A 4 -9.26 13.66 -3.47
CA GLY A 4 -7.85 13.64 -3.79
C GLY A 4 -7.46 12.47 -4.69
N SER A 5 -6.69 12.75 -5.73
CA SER A 5 -6.27 11.72 -6.66
C SER A 5 -5.12 10.90 -6.08
N SER A 6 -4.79 9.79 -6.74
CA SER A 6 -3.71 8.92 -6.29
C SER A 6 -3.41 7.85 -7.32
N GLY A 7 -2.13 7.61 -7.57
CA GLY A 7 -1.73 6.60 -8.54
C GLY A 7 -1.15 7.22 -9.80
N THR A 8 0.12 7.60 -9.75
CA THR A 8 0.79 8.20 -10.89
C THR A 8 2.06 7.43 -11.25
N GLY A 9 2.01 6.12 -11.12
CA GLY A 9 3.16 5.29 -11.44
C GLY A 9 2.81 4.08 -12.26
N GLU A 10 3.81 3.26 -12.60
CA GLU A 10 3.59 2.06 -13.40
C GLU A 10 3.73 0.81 -12.54
N LYS A 11 3.64 0.99 -11.22
CA LYS A 11 3.75 -0.12 -10.28
C LYS A 11 2.53 -1.02 -10.36
N PRO A 12 2.75 -2.28 -10.76
CA PRO A 12 1.68 -3.28 -10.89
C PRO A 12 1.12 -3.71 -9.53
N TYR A 13 1.64 -3.10 -8.47
CA TYR A 13 1.21 -3.42 -7.11
C TYR A 13 0.89 -2.15 -6.33
N ASN A 14 -0.11 -2.23 -5.45
CA ASN A 14 -0.50 -1.09 -4.63
C ASN A 14 -1.15 -1.56 -3.33
N CYS A 15 -1.03 -0.74 -2.30
CA CYS A 15 -1.60 -1.06 -1.00
C CYS A 15 -3.03 -0.54 -0.88
N GLU A 16 -3.99 -1.44 -0.76
CA GLU A 16 -5.39 -1.07 -0.65
C GLU A 16 -5.68 -0.44 0.72
N GLU A 17 -4.77 -0.65 1.66
CA GLU A 17 -4.92 -0.11 3.00
C GLU A 17 -4.73 1.40 3.01
N CYS A 18 -3.61 1.86 2.45
CA CYS A 18 -3.30 3.28 2.38
C CYS A 18 -3.42 3.80 0.96
N GLY A 19 -2.82 3.07 0.01
CA GLY A 19 -2.86 3.47 -1.38
C GLY A 19 -1.48 3.69 -1.97
N LYS A 20 -0.50 2.95 -1.46
CA LYS A 20 0.87 3.06 -1.94
C LYS A 20 1.07 2.24 -3.20
N ALA A 21 2.27 2.33 -3.78
CA ALA A 21 2.59 1.59 -4.99
C ALA A 21 3.87 0.78 -4.82
N PHE A 22 3.96 -0.34 -5.53
CA PHE A 22 5.13 -1.20 -5.44
C PHE A 22 5.37 -1.92 -6.77
N ILE A 23 6.63 -2.22 -7.06
CA ILE A 23 7.00 -2.90 -8.30
C ILE A 23 6.91 -4.41 -8.13
N HIS A 24 7.36 -4.91 -6.99
CA HIS A 24 7.33 -6.34 -6.71
C HIS A 24 6.37 -6.64 -5.56
N ASP A 25 5.75 -7.81 -5.62
CA ASP A 25 4.80 -8.22 -4.58
C ASP A 25 5.49 -8.28 -3.21
N SER A 26 6.64 -8.93 -3.17
CA SER A 26 7.40 -9.06 -1.92
C SER A 26 7.61 -7.69 -1.27
N GLN A 27 7.68 -6.66 -2.10
CA GLN A 27 7.87 -5.30 -1.60
C GLN A 27 6.62 -4.77 -0.93
N LEU A 28 5.49 -4.87 -1.63
CA LEU A 28 4.22 -4.40 -1.10
C LEU A 28 3.83 -5.17 0.15
N GLN A 29 3.90 -6.50 0.07
CA GLN A 29 3.56 -7.35 1.19
C GLN A 29 4.36 -6.96 2.44
N GLU A 30 5.67 -6.81 2.27
CA GLU A 30 6.53 -6.42 3.38
C GLU A 30 6.09 -5.11 3.99
N HIS A 31 5.30 -4.35 3.24
CA HIS A 31 4.81 -3.06 3.71
C HIS A 31 3.45 -3.21 4.38
N GLN A 32 2.50 -3.80 3.66
CA GLN A 32 1.14 -4.00 4.18
C GLN A 32 1.19 -4.33 5.67
N ARG A 33 2.27 -4.96 6.10
CA ARG A 33 2.44 -5.34 7.49
C ARG A 33 2.14 -4.16 8.42
N ILE A 34 2.74 -3.01 8.11
CA ILE A 34 2.53 -1.81 8.90
C ILE A 34 1.06 -1.64 9.28
N HIS A 35 0.19 -2.22 8.47
CA HIS A 35 -1.26 -2.12 8.72
C HIS A 35 -1.72 -3.29 9.59
N THR A 36 -1.16 -4.47 9.35
CA THR A 36 -1.53 -5.66 10.11
C THR A 36 -0.34 -6.19 10.90
N GLY A 37 0.46 -5.27 11.44
CA GLY A 37 1.62 -5.67 12.22
C GLY A 37 1.82 -4.80 13.44
N GLU A 38 1.56 -3.50 13.29
CA GLU A 38 1.72 -2.56 14.40
C GLU A 38 0.41 -1.84 14.69
N LYS A 39 0.09 -1.70 15.97
CA LYS A 39 -1.13 -1.03 16.39
C LYS A 39 -1.47 0.14 15.45
N PRO A 40 -2.75 0.49 15.38
CA PRO A 40 -3.23 1.59 14.53
C PRO A 40 -2.79 2.95 15.05
N SER A 41 -2.03 2.95 16.14
CA SER A 41 -1.55 4.19 16.74
C SER A 41 -2.66 4.90 17.49
N GLY A 42 -3.41 4.14 18.28
CA GLY A 42 -4.50 4.72 19.05
C GLY A 42 -5.86 4.20 18.60
N PRO A 43 -6.10 2.90 18.83
CA PRO A 43 -7.36 2.25 18.45
C PRO A 43 -8.53 2.72 19.31
N SER A 44 -9.64 3.07 18.66
CA SER A 44 -10.83 3.53 19.36
C SER A 44 -10.44 4.34 20.60
N SER A 45 -9.40 5.15 20.47
CA SER A 45 -8.93 5.97 21.58
C SER A 45 -10.09 6.55 22.35
N GLY A 46 -9.82 6.99 23.58
CA GLY A 46 -10.86 7.56 24.42
C GLY A 46 -10.56 9.00 24.81
N GLY A 1 2.48 24.88 -22.18
CA GLY A 1 3.20 23.63 -22.31
C GLY A 1 2.99 22.71 -21.12
N SER A 2 2.35 21.58 -21.35
CA SER A 2 2.07 20.61 -20.28
C SER A 2 2.85 19.32 -20.51
N SER A 3 4.11 19.46 -20.93
CA SER A 3 4.96 18.30 -21.18
C SER A 3 5.48 17.73 -19.87
N GLY A 4 5.47 16.40 -19.78
CA GLY A 4 5.94 15.73 -18.57
C GLY A 4 5.40 14.33 -18.43
N SER A 5 6.22 13.34 -18.80
CA SER A 5 5.81 11.94 -18.72
C SER A 5 7.01 11.02 -18.88
N SER A 6 7.26 10.21 -17.85
CA SER A 6 8.38 9.27 -17.88
C SER A 6 8.10 8.07 -16.97
N GLY A 7 8.66 6.92 -17.34
CA GLY A 7 8.46 5.72 -16.56
C GLY A 7 8.05 4.53 -17.40
N THR A 8 8.59 3.36 -17.09
CA THR A 8 8.29 2.15 -17.83
C THR A 8 7.62 1.10 -16.93
N GLY A 9 6.33 0.88 -17.14
CA GLY A 9 5.61 -0.09 -16.34
C GLY A 9 5.33 0.41 -14.93
N GLU A 10 4.27 1.18 -14.77
CA GLU A 10 3.90 1.72 -13.47
C GLU A 10 3.77 0.60 -12.44
N LYS A 11 4.01 0.95 -11.17
CA LYS A 11 3.91 -0.03 -10.09
C LYS A 11 2.64 -0.86 -10.22
N PRO A 12 2.79 -2.12 -10.68
CA PRO A 12 1.68 -3.04 -10.85
C PRO A 12 1.08 -3.49 -9.52
N TYR A 13 1.60 -2.95 -8.44
CA TYR A 13 1.12 -3.30 -7.10
C TYR A 13 0.79 -2.04 -6.29
N ASN A 14 -0.19 -2.17 -5.40
CA ASN A 14 -0.61 -1.05 -4.57
C ASN A 14 -1.16 -1.54 -3.24
N CYS A 15 -1.16 -0.66 -2.24
CA CYS A 15 -1.66 -1.00 -0.92
C CYS A 15 -3.05 -0.42 -0.70
N GLU A 16 -4.07 -1.21 -1.03
CA GLU A 16 -5.46 -0.78 -0.87
C GLU A 16 -5.71 -0.28 0.55
N GLU A 17 -4.81 -0.63 1.46
CA GLU A 17 -4.94 -0.22 2.85
C GLU A 17 -4.77 1.29 2.99
N CYS A 18 -3.66 1.81 2.48
CA CYS A 18 -3.38 3.24 2.54
C CYS A 18 -3.48 3.87 1.16
N GLY A 19 -2.87 3.22 0.17
CA GLY A 19 -2.89 3.74 -1.18
C GLY A 19 -1.50 3.94 -1.76
N LYS A 20 -0.59 3.04 -1.43
CA LYS A 20 0.78 3.12 -1.90
C LYS A 20 0.97 2.31 -3.18
N ALA A 21 2.16 2.35 -3.74
CA ALA A 21 2.47 1.61 -4.97
C ALA A 21 3.80 0.89 -4.86
N PHE A 22 3.85 -0.33 -5.38
CA PHE A 22 5.07 -1.13 -5.34
C PHE A 22 5.33 -1.79 -6.68
N ILE A 23 6.60 -2.02 -6.99
CA ILE A 23 6.99 -2.64 -8.24
C ILE A 23 6.84 -4.16 -8.17
N HIS A 24 7.26 -4.74 -7.06
CA HIS A 24 7.18 -6.19 -6.87
C HIS A 24 6.26 -6.52 -5.70
N ASP A 25 5.75 -7.75 -5.68
CA ASP A 25 4.85 -8.19 -4.63
C ASP A 25 5.54 -8.13 -3.27
N SER A 26 6.54 -8.98 -3.07
CA SER A 26 7.28 -9.02 -1.81
C SER A 26 7.46 -7.61 -1.24
N GLN A 27 7.72 -6.65 -2.12
CA GLN A 27 7.91 -5.27 -1.70
C GLN A 27 6.66 -4.73 -1.03
N LEU A 28 5.50 -4.97 -1.64
CA LEU A 28 4.24 -4.50 -1.10
C LEU A 28 3.89 -5.25 0.19
N GLN A 29 3.92 -6.57 0.13
CA GLN A 29 3.62 -7.40 1.28
C GLN A 29 4.43 -6.97 2.50
N GLU A 30 5.74 -6.79 2.29
CA GLU A 30 6.62 -6.36 3.37
C GLU A 30 6.15 -5.06 3.99
N HIS A 31 5.32 -4.32 3.25
CA HIS A 31 4.80 -3.05 3.72
C HIS A 31 3.45 -3.24 4.42
N GLN A 32 2.50 -3.85 3.72
CA GLN A 32 1.18 -4.09 4.28
C GLN A 32 1.26 -4.47 5.75
N ARG A 33 2.39 -5.06 6.14
CA ARG A 33 2.60 -5.47 7.52
C ARG A 33 2.26 -4.34 8.48
N ILE A 34 2.79 -3.15 8.19
CA ILE A 34 2.56 -1.99 9.03
C ILE A 34 1.07 -1.84 9.36
N HIS A 35 0.22 -2.45 8.54
CA HIS A 35 -1.22 -2.40 8.74
C HIS A 35 -1.69 -3.55 9.63
N THR A 36 -1.37 -4.77 9.23
CA THR A 36 -1.76 -5.95 9.98
C THR A 36 -1.66 -5.71 11.49
N GLY A 37 -2.79 -5.40 12.11
CA GLY A 37 -2.80 -5.15 13.54
C GLY A 37 -3.08 -3.70 13.86
N GLU A 38 -4.27 -3.23 13.52
CA GLU A 38 -4.65 -1.84 13.78
C GLU A 38 -5.78 -1.76 14.80
N LYS A 39 -5.61 -0.92 15.82
CA LYS A 39 -6.63 -0.76 16.85
C LYS A 39 -7.59 0.37 16.49
N PRO A 40 -8.87 0.19 16.84
CA PRO A 40 -9.91 1.18 16.57
C PRO A 40 -9.75 2.44 17.42
N SER A 41 -10.81 3.24 17.48
CA SER A 41 -10.79 4.48 18.26
C SER A 41 -10.94 4.18 19.75
N GLY A 42 -9.91 3.60 20.35
CA GLY A 42 -9.95 3.28 21.76
C GLY A 42 -10.89 2.13 22.07
N PRO A 43 -10.42 0.89 21.84
CA PRO A 43 -11.23 -0.31 22.08
C PRO A 43 -11.45 -0.58 23.57
N SER A 44 -10.47 -0.19 24.38
CA SER A 44 -10.56 -0.37 25.82
C SER A 44 -9.87 0.77 26.57
N SER A 45 -10.30 1.00 27.80
CA SER A 45 -9.73 2.07 28.62
C SER A 45 -8.43 1.61 29.29
N GLY A 46 -7.31 2.13 28.80
CA GLY A 46 -6.02 1.75 29.36
C GLY A 46 -4.89 2.00 28.39
N GLY A 1 -14.82 24.11 -17.88
CA GLY A 1 -14.57 22.75 -17.43
C GLY A 1 -13.17 22.28 -17.76
N SER A 2 -12.39 21.98 -16.73
CA SER A 2 -11.02 21.52 -16.93
C SER A 2 -10.75 20.26 -16.10
N SER A 3 -10.25 19.22 -16.75
CA SER A 3 -9.94 17.97 -16.06
C SER A 3 -8.47 17.61 -16.23
N GLY A 4 -7.88 17.09 -15.16
CA GLY A 4 -6.47 16.70 -15.20
C GLY A 4 -6.28 15.21 -15.01
N SER A 5 -5.05 14.75 -15.24
CA SER A 5 -4.73 13.33 -15.10
C SER A 5 -3.32 13.15 -14.57
N SER A 6 -3.17 12.22 -13.62
CA SER A 6 -1.87 11.95 -13.01
C SER A 6 -0.93 11.30 -14.02
N GLY A 7 0.37 11.35 -13.73
CA GLY A 7 1.35 10.77 -14.62
C GLY A 7 1.81 9.39 -14.16
N THR A 8 3.05 9.32 -13.66
CA THR A 8 3.60 8.07 -13.17
C THR A 8 2.57 7.26 -12.40
N GLY A 9 2.76 5.95 -12.36
CA GLY A 9 1.83 5.09 -11.63
C GLY A 9 1.57 3.79 -12.35
N GLU A 10 2.63 3.18 -12.87
CA GLU A 10 2.51 1.92 -13.59
C GLU A 10 2.86 0.73 -12.69
N LYS A 11 3.09 1.03 -11.41
CA LYS A 11 3.43 -0.01 -10.44
C LYS A 11 2.43 -1.16 -10.50
N PRO A 12 2.94 -2.37 -10.76
CA PRO A 12 2.11 -3.57 -10.85
C PRO A 12 1.56 -3.99 -9.48
N TYR A 13 1.85 -3.20 -8.46
CA TYR A 13 1.38 -3.49 -7.11
C TYR A 13 0.98 -2.20 -6.39
N ASN A 14 0.00 -2.32 -5.49
CA ASN A 14 -0.46 -1.17 -4.74
C ASN A 14 -1.03 -1.59 -3.39
N CYS A 15 -1.18 -0.63 -2.47
CA CYS A 15 -1.70 -0.92 -1.14
C CYS A 15 -3.15 -0.44 -1.02
N GLU A 16 -4.05 -1.37 -0.74
CA GLU A 16 -5.46 -1.03 -0.59
C GLU A 16 -5.77 -0.60 0.84
N GLU A 17 -4.75 -0.19 1.56
CA GLU A 17 -4.91 0.24 2.94
C GLU A 17 -4.59 1.73 3.08
N CYS A 18 -3.58 2.19 2.34
CA CYS A 18 -3.17 3.59 2.38
C CYS A 18 -3.21 4.20 0.99
N GLY A 19 -2.64 3.50 0.02
CA GLY A 19 -2.62 3.99 -1.35
C GLY A 19 -1.21 4.13 -1.89
N LYS A 20 -0.34 3.20 -1.52
CA LYS A 20 1.04 3.22 -1.98
C LYS A 20 1.28 2.20 -3.08
N ALA A 21 2.14 2.55 -4.04
CA ALA A 21 2.44 1.66 -5.15
C ALA A 21 3.79 0.98 -4.95
N PHE A 22 3.95 -0.20 -5.53
CA PHE A 22 5.19 -0.95 -5.43
C PHE A 22 5.57 -1.59 -6.76
N ILE A 23 6.76 -2.16 -6.82
CA ILE A 23 7.24 -2.80 -8.04
C ILE A 23 7.08 -4.32 -7.97
N HIS A 24 7.55 -4.90 -6.87
CA HIS A 24 7.45 -6.35 -6.68
C HIS A 24 6.43 -6.68 -5.60
N ASP A 25 6.03 -7.95 -5.55
CA ASP A 25 5.05 -8.40 -4.56
C ASP A 25 5.65 -8.39 -3.15
N SER A 26 6.78 -9.07 -3.00
CA SER A 26 7.45 -9.14 -1.70
C SER A 26 7.57 -7.76 -1.07
N GLN A 27 7.85 -6.76 -1.91
CA GLN A 27 7.99 -5.39 -1.44
C GLN A 27 6.70 -4.90 -0.78
N LEU A 28 5.61 -4.94 -1.54
CA LEU A 28 4.31 -4.50 -1.04
C LEU A 28 3.94 -5.26 0.24
N GLN A 29 4.05 -6.58 0.19
CA GLN A 29 3.73 -7.41 1.34
C GLN A 29 4.47 -6.94 2.58
N GLU A 30 5.77 -6.68 2.43
CA GLU A 30 6.59 -6.23 3.54
C GLU A 30 6.06 -4.90 4.10
N HIS A 31 5.15 -4.27 3.36
CA HIS A 31 4.57 -3.01 3.78
C HIS A 31 3.17 -3.21 4.36
N GLN A 32 2.34 -3.93 3.61
CA GLN A 32 0.97 -4.20 4.04
C GLN A 32 0.94 -4.73 5.47
N ARG A 33 2.09 -5.24 5.92
CA ARG A 33 2.20 -5.79 7.27
C ARG A 33 2.07 -4.69 8.31
N ILE A 34 2.63 -3.52 8.01
CA ILE A 34 2.58 -2.38 8.93
C ILE A 34 1.14 -2.03 9.28
N HIS A 35 0.21 -2.40 8.40
CA HIS A 35 -1.21 -2.12 8.61
C HIS A 35 -1.83 -3.15 9.53
N THR A 36 -1.24 -4.34 9.57
CA THR A 36 -1.73 -5.42 10.41
C THR A 36 -1.10 -5.38 11.80
N GLY A 37 -1.06 -4.19 12.39
CA GLY A 37 -0.48 -4.04 13.72
C GLY A 37 -1.06 -5.01 14.72
N GLU A 38 -0.65 -4.88 15.97
CA GLU A 38 -1.13 -5.76 17.03
C GLU A 38 -1.58 -4.95 18.25
N LYS A 39 -2.89 -4.90 18.45
CA LYS A 39 -3.46 -4.15 19.58
C LYS A 39 -4.79 -4.76 20.02
N PRO A 40 -5.03 -4.78 21.34
CA PRO A 40 -6.26 -5.33 21.91
C PRO A 40 -7.48 -4.47 21.60
N SER A 41 -8.59 -4.77 22.27
CA SER A 41 -9.83 -4.01 22.05
C SER A 41 -10.15 -3.14 23.27
N GLY A 42 -9.23 -2.24 23.59
CA GLY A 42 -9.44 -1.36 24.73
C GLY A 42 -8.22 -0.50 25.02
N PRO A 43 -7.21 -1.09 25.67
CA PRO A 43 -5.97 -0.39 26.03
C PRO A 43 -5.12 -0.07 24.80
N SER A 44 -4.29 0.95 24.92
CA SER A 44 -3.42 1.37 23.83
C SER A 44 -2.08 1.86 24.35
N SER A 45 -1.00 1.23 23.89
CA SER A 45 0.35 1.61 24.30
C SER A 45 1.17 2.11 23.13
N GLY A 46 1.38 1.25 22.14
CA GLY A 46 2.15 1.62 20.97
C GLY A 46 3.38 0.77 20.78
N GLY A 1 -17.27 17.40 -8.89
CA GLY A 1 -15.88 17.73 -9.09
C GLY A 1 -15.04 17.50 -7.85
N SER A 2 -14.02 16.67 -7.96
CA SER A 2 -13.14 16.37 -6.84
C SER A 2 -11.81 15.80 -7.31
N SER A 3 -10.84 15.73 -6.41
CA SER A 3 -9.52 15.23 -6.74
C SER A 3 -9.58 13.74 -7.12
N GLY A 4 -8.44 13.18 -7.50
CA GLY A 4 -8.40 11.78 -7.88
C GLY A 4 -6.99 11.27 -8.02
N SER A 5 -6.65 10.74 -9.20
CA SER A 5 -5.32 10.21 -9.45
C SER A 5 -4.25 11.27 -9.18
N SER A 6 -3.13 10.83 -8.62
CA SER A 6 -2.03 11.73 -8.30
C SER A 6 -0.73 11.24 -8.91
N GLY A 7 -0.36 11.81 -10.06
CA GLY A 7 0.86 11.41 -10.73
C GLY A 7 0.65 10.23 -11.66
N THR A 8 1.75 9.63 -12.10
CA THR A 8 1.69 8.49 -13.00
C THR A 8 2.53 7.33 -12.48
N GLY A 9 1.87 6.36 -11.86
CA GLY A 9 2.58 5.21 -11.32
C GLY A 9 2.33 3.95 -12.12
N GLU A 10 3.39 3.35 -12.66
CA GLU A 10 3.28 2.14 -13.45
C GLU A 10 3.51 0.91 -12.58
N LYS A 11 3.42 1.07 -11.27
CA LYS A 11 3.64 -0.03 -10.33
C LYS A 11 2.52 -1.06 -10.45
N PRO A 12 2.90 -2.30 -10.77
CA PRO A 12 1.95 -3.42 -10.91
C PRO A 12 1.33 -3.83 -9.58
N TYR A 13 1.69 -3.11 -8.52
CA TYR A 13 1.18 -3.41 -7.19
C TYR A 13 0.75 -2.14 -6.47
N ASN A 14 -0.11 -2.28 -5.48
CA ASN A 14 -0.60 -1.14 -4.71
C ASN A 14 -1.19 -1.60 -3.38
N CYS A 15 -1.17 -0.70 -2.40
CA CYS A 15 -1.71 -1.00 -1.07
C CYS A 15 -3.14 -0.49 -0.93
N GLU A 16 -4.08 -1.42 -0.81
CA GLU A 16 -5.49 -1.06 -0.67
C GLU A 16 -5.76 -0.42 0.69
N GLU A 17 -4.79 -0.53 1.59
CA GLU A 17 -4.91 0.05 2.92
C GLU A 17 -4.66 1.55 2.90
N CYS A 18 -3.55 1.95 2.28
CA CYS A 18 -3.19 3.35 2.18
C CYS A 18 -3.22 3.83 0.73
N GLY A 19 -2.57 3.05 -0.15
CA GLY A 19 -2.54 3.41 -1.56
C GLY A 19 -1.13 3.54 -2.08
N LYS A 20 -0.19 2.89 -1.42
CA LYS A 20 1.22 2.93 -1.82
C LYS A 20 1.50 1.94 -2.94
N ALA A 21 2.01 2.44 -4.06
CA ALA A 21 2.33 1.60 -5.20
C ALA A 21 3.67 0.90 -5.01
N PHE A 22 3.75 -0.34 -5.47
CA PHE A 22 4.98 -1.13 -5.36
C PHE A 22 5.34 -1.80 -6.68
N ILE A 23 6.63 -2.01 -6.90
CA ILE A 23 7.10 -2.64 -8.13
C ILE A 23 6.94 -4.15 -8.06
N HIS A 24 7.37 -4.73 -6.95
CA HIS A 24 7.28 -6.18 -6.75
C HIS A 24 6.32 -6.51 -5.62
N ASP A 25 5.91 -7.78 -5.55
CA ASP A 25 5.00 -8.23 -4.50
C ASP A 25 5.69 -8.26 -3.15
N SER A 26 6.84 -8.93 -3.08
CA SER A 26 7.60 -9.04 -1.85
C SER A 26 7.79 -7.66 -1.20
N GLN A 27 7.62 -6.62 -2.00
CA GLN A 27 7.77 -5.25 -1.51
C GLN A 27 6.47 -4.76 -0.86
N LEU A 28 5.36 -4.97 -1.55
CA LEU A 28 4.06 -4.55 -1.04
C LEU A 28 3.68 -5.34 0.20
N GLN A 29 3.86 -6.66 0.14
CA GLN A 29 3.53 -7.54 1.25
C GLN A 29 4.34 -7.17 2.49
N GLU A 30 5.61 -6.84 2.29
CA GLU A 30 6.49 -6.46 3.39
C GLU A 30 6.10 -5.10 3.96
N HIS A 31 5.15 -4.43 3.30
CA HIS A 31 4.68 -3.12 3.73
C HIS A 31 3.32 -3.23 4.39
N GLN A 32 2.41 -3.97 3.76
CA GLN A 32 1.07 -4.15 4.29
C GLN A 32 1.10 -4.56 5.75
N ARG A 33 2.26 -5.06 6.19
CA ARG A 33 2.43 -5.50 7.57
C ARG A 33 2.27 -4.32 8.53
N ILE A 34 2.74 -3.16 8.11
CA ILE A 34 2.65 -1.95 8.93
C ILE A 34 1.20 -1.67 9.34
N HIS A 35 0.27 -2.15 8.54
CA HIS A 35 -1.15 -1.96 8.81
C HIS A 35 -1.66 -2.98 9.82
N THR A 36 -1.11 -4.19 9.75
CA THR A 36 -1.51 -5.26 10.65
C THR A 36 -0.36 -5.68 11.56
N GLY A 37 -0.19 -4.94 12.66
CA GLY A 37 0.88 -5.26 13.59
C GLY A 37 0.42 -5.23 15.03
N GLU A 38 0.43 -4.04 15.63
CA GLU A 38 0.02 -3.88 17.02
C GLU A 38 -1.47 -3.55 17.10
N LYS A 39 -2.30 -4.59 17.01
CA LYS A 39 -3.76 -4.41 17.07
C LYS A 39 -4.39 -5.46 17.98
N PRO A 40 -5.51 -5.10 18.61
CA PRO A 40 -6.24 -5.99 19.52
C PRO A 40 -6.91 -7.14 18.78
N SER A 41 -7.68 -7.94 19.51
CA SER A 41 -8.37 -9.08 18.92
C SER A 41 -9.63 -8.63 18.18
N GLY A 42 -9.43 -7.94 17.05
CA GLY A 42 -10.55 -7.47 16.26
C GLY A 42 -11.30 -6.34 16.94
N PRO A 43 -10.75 -5.11 16.83
CA PRO A 43 -11.36 -3.92 17.44
C PRO A 43 -12.66 -3.52 16.74
N SER A 44 -12.72 -3.72 15.43
CA SER A 44 -13.89 -3.38 14.65
C SER A 44 -15.07 -4.30 15.00
N SER A 45 -16.24 -3.99 14.46
CA SER A 45 -17.43 -4.79 14.71
C SER A 45 -17.90 -5.47 13.43
N GLY A 46 -18.22 -6.76 13.54
CA GLY A 46 -18.69 -7.50 12.38
C GLY A 46 -18.80 -8.99 12.66
N GLY A 1 -12.59 23.25 -14.11
CA GLY A 1 -11.80 22.11 -14.52
C GLY A 1 -10.34 22.23 -14.09
N SER A 2 -10.02 21.66 -12.94
CA SER A 2 -8.67 21.72 -12.41
C SER A 2 -8.00 20.34 -12.49
N SER A 3 -7.41 20.04 -13.65
CA SER A 3 -6.75 18.76 -13.87
C SER A 3 -5.52 18.93 -14.74
N GLY A 4 -4.45 18.21 -14.40
CA GLY A 4 -3.22 18.30 -15.17
C GLY A 4 -2.16 17.34 -14.67
N SER A 5 -2.58 16.13 -14.32
CA SER A 5 -1.65 15.12 -13.81
C SER A 5 -1.68 13.88 -14.71
N SER A 6 -0.58 13.67 -15.43
CA SER A 6 -0.47 12.52 -16.32
C SER A 6 0.69 11.61 -15.91
N GLY A 7 0.34 10.45 -15.38
CA GLY A 7 1.37 9.51 -14.94
C GLY A 7 1.31 9.24 -13.45
N THR A 8 0.79 8.08 -13.07
CA THR A 8 0.67 7.71 -11.67
C THR A 8 1.79 6.75 -11.26
N GLY A 9 1.89 5.63 -11.99
CA GLY A 9 2.91 4.65 -11.69
C GLY A 9 2.67 3.32 -12.37
N GLU A 10 3.72 2.73 -12.93
CA GLU A 10 3.60 1.46 -13.63
C GLU A 10 3.68 0.30 -12.63
N LYS A 11 3.62 0.62 -11.35
CA LYS A 11 3.69 -0.40 -10.30
C LYS A 11 2.44 -1.28 -10.32
N PRO A 12 2.63 -2.56 -10.69
CA PRO A 12 1.54 -3.53 -10.76
C PRO A 12 1.00 -3.90 -9.37
N TYR A 13 1.54 -3.25 -8.34
CA TYR A 13 1.12 -3.51 -6.97
C TYR A 13 0.84 -2.21 -6.23
N ASN A 14 -0.07 -2.26 -5.27
CA ASN A 14 -0.42 -1.09 -4.48
C ASN A 14 -1.11 -1.50 -3.17
N CYS A 15 -1.12 -0.57 -2.21
CA CYS A 15 -1.75 -0.84 -0.92
C CYS A 15 -3.13 -0.19 -0.84
N GLU A 16 -4.16 -1.02 -0.76
CA GLU A 16 -5.53 -0.53 -0.67
C GLU A 16 -5.82 0.04 0.71
N GLU A 17 -4.90 -0.20 1.64
CA GLU A 17 -5.07 0.30 3.01
C GLU A 17 -4.76 1.79 3.09
N CYS A 18 -3.67 2.20 2.46
CA CYS A 18 -3.26 3.60 2.47
C CYS A 18 -3.28 4.17 1.05
N GLY A 19 -2.80 3.39 0.09
CA GLY A 19 -2.77 3.84 -1.29
C GLY A 19 -1.37 3.93 -1.84
N LYS A 20 -0.48 3.07 -1.35
CA LYS A 20 0.90 3.05 -1.80
C LYS A 20 1.07 2.20 -3.05
N ALA A 21 2.23 2.29 -3.69
CA ALA A 21 2.50 1.53 -4.90
C ALA A 21 3.81 0.76 -4.77
N PHE A 22 3.88 -0.39 -5.44
CA PHE A 22 5.08 -1.22 -5.40
C PHE A 22 5.30 -1.92 -6.74
N ILE A 23 6.56 -2.13 -7.09
CA ILE A 23 6.91 -2.79 -8.35
C ILE A 23 6.83 -4.31 -8.21
N HIS A 24 7.31 -4.83 -7.08
CA HIS A 24 7.29 -6.26 -6.83
C HIS A 24 6.48 -6.59 -5.57
N ASP A 25 5.70 -7.66 -5.64
CA ASP A 25 4.87 -8.08 -4.51
C ASP A 25 5.68 -8.09 -3.21
N SER A 26 6.76 -8.86 -3.21
CA SER A 26 7.62 -8.96 -2.04
C SER A 26 7.74 -7.62 -1.33
N GLN A 27 7.96 -6.56 -2.11
CA GLN A 27 8.10 -5.22 -1.57
C GLN A 27 6.81 -4.78 -0.88
N LEU A 28 5.70 -4.87 -1.61
CA LEU A 28 4.40 -4.47 -1.07
C LEU A 28 4.09 -5.25 0.21
N GLN A 29 4.25 -6.56 0.15
CA GLN A 29 3.99 -7.41 1.31
C GLN A 29 4.75 -6.92 2.54
N GLU A 30 6.01 -6.53 2.33
CA GLU A 30 6.84 -6.04 3.42
C GLU A 30 6.30 -4.74 3.98
N HIS A 31 5.33 -4.16 3.28
CA HIS A 31 4.72 -2.90 3.70
C HIS A 31 3.35 -3.13 4.31
N GLN A 32 2.50 -3.87 3.58
CA GLN A 32 1.15 -4.17 4.05
C GLN A 32 1.18 -4.68 5.48
N ARG A 33 2.34 -5.15 5.92
CA ARG A 33 2.49 -5.66 7.28
C ARG A 33 2.15 -4.60 8.31
N ILE A 34 2.46 -3.34 7.99
CA ILE A 34 2.18 -2.23 8.89
C ILE A 34 0.69 -2.13 9.18
N HIS A 35 -0.13 -2.69 8.30
CA HIS A 35 -1.58 -2.66 8.47
C HIS A 35 -2.07 -3.94 9.14
N THR A 36 -1.57 -5.08 8.66
CA THR A 36 -1.97 -6.37 9.21
C THR A 36 -1.98 -6.34 10.74
N GLY A 37 -3.16 -6.13 11.30
CA GLY A 37 -3.29 -6.09 12.76
C GLY A 37 -3.79 -4.73 13.24
N GLU A 38 -4.95 -4.32 12.76
CA GLU A 38 -5.53 -3.05 13.16
C GLU A 38 -6.95 -3.22 13.67
N LYS A 39 -7.60 -2.11 14.02
CA LYS A 39 -8.97 -2.15 14.53
C LYS A 39 -9.79 -3.21 13.80
N PRO A 40 -10.82 -3.75 14.49
CA PRO A 40 -11.70 -4.78 13.92
C PRO A 40 -12.60 -4.21 12.83
N SER A 41 -13.40 -5.09 12.23
CA SER A 41 -14.31 -4.69 11.16
C SER A 41 -15.65 -4.21 11.74
N GLY A 42 -15.71 -2.92 12.06
CA GLY A 42 -16.93 -2.36 12.60
C GLY A 42 -17.39 -3.09 13.86
N PRO A 43 -16.68 -2.87 14.97
CA PRO A 43 -16.99 -3.50 16.24
C PRO A 43 -18.28 -2.95 16.86
N SER A 44 -18.90 -3.75 17.73
CA SER A 44 -20.14 -3.35 18.38
C SER A 44 -21.22 -3.04 17.34
N SER A 45 -21.27 -3.85 16.29
CA SER A 45 -22.26 -3.67 15.24
C SER A 45 -23.28 -4.80 15.25
N GLY A 46 -22.79 -6.03 15.26
CA GLY A 46 -23.67 -7.18 15.27
C GLY A 46 -23.43 -8.10 16.44
N GLY A 1 -7.46 9.62 -11.91
CA GLY A 1 -7.32 10.85 -12.65
C GLY A 1 -6.54 10.69 -13.93
N SER A 2 -6.32 11.79 -14.64
CA SER A 2 -5.57 11.76 -15.90
C SER A 2 -4.36 12.68 -15.82
N SER A 3 -3.17 12.06 -15.86
CA SER A 3 -1.92 12.81 -15.79
C SER A 3 -0.87 12.19 -16.69
N GLY A 4 -0.24 13.02 -17.53
CA GLY A 4 0.78 12.53 -18.43
C GLY A 4 2.16 12.49 -17.79
N SER A 5 2.33 11.60 -16.82
CA SER A 5 3.60 11.47 -16.12
C SER A 5 3.81 10.05 -15.62
N SER A 6 5.06 9.69 -15.38
CA SER A 6 5.39 8.35 -14.91
C SER A 6 6.85 8.28 -14.46
N GLY A 7 7.11 7.47 -13.45
CA GLY A 7 8.46 7.32 -12.93
C GLY A 7 8.86 5.88 -12.75
N THR A 8 10.11 5.56 -13.08
CA THR A 8 10.61 4.20 -12.94
C THR A 8 9.56 3.18 -13.36
N GLY A 9 8.83 3.48 -14.43
CA GLY A 9 7.80 2.59 -14.91
C GLY A 9 6.55 2.63 -14.06
N GLU A 10 5.58 1.79 -14.40
CA GLU A 10 4.32 1.73 -13.65
C GLU A 10 4.38 0.68 -12.55
N LYS A 11 3.67 0.93 -11.46
CA LYS A 11 3.64 0.01 -10.34
C LYS A 11 2.43 -0.92 -10.43
N PRO A 12 2.67 -2.17 -10.82
CA PRO A 12 1.61 -3.18 -10.95
C PRO A 12 1.05 -3.60 -9.60
N TYR A 13 1.53 -2.97 -8.53
CA TYR A 13 1.06 -3.29 -7.19
C TYR A 13 0.72 -2.03 -6.42
N ASN A 14 -0.27 -2.12 -5.54
CA ASN A 14 -0.70 -0.98 -4.74
C ASN A 14 -1.39 -1.45 -3.46
N CYS A 15 -1.07 -0.79 -2.35
CA CYS A 15 -1.64 -1.14 -1.05
C CYS A 15 -3.12 -0.75 -1.01
N GLU A 16 -3.97 -1.72 -0.66
CA GLU A 16 -5.40 -1.48 -0.57
C GLU A 16 -5.80 -1.00 0.82
N GLU A 17 -4.82 -0.47 1.56
CA GLU A 17 -5.07 0.02 2.91
C GLU A 17 -4.72 1.50 3.01
N CYS A 18 -3.74 1.93 2.24
CA CYS A 18 -3.30 3.33 2.24
C CYS A 18 -3.36 3.91 0.84
N GLY A 19 -2.79 3.19 -0.13
CA GLY A 19 -2.78 3.66 -1.51
C GLY A 19 -1.41 3.56 -2.14
N LYS A 20 -0.37 3.52 -1.31
CA LYS A 20 1.00 3.42 -1.79
C LYS A 20 1.10 2.42 -2.93
N ALA A 21 2.11 2.61 -3.78
CA ALA A 21 2.32 1.70 -4.91
C ALA A 21 3.60 0.90 -4.74
N PHE A 22 3.70 -0.21 -5.47
CA PHE A 22 4.87 -1.07 -5.40
C PHE A 22 5.16 -1.71 -6.75
N ILE A 23 6.42 -2.05 -6.98
CA ILE A 23 6.83 -2.68 -8.23
C ILE A 23 6.74 -4.20 -8.14
N HIS A 24 7.10 -4.74 -6.99
CA HIS A 24 7.06 -6.18 -6.77
C HIS A 24 6.25 -6.52 -5.52
N ASP A 25 5.50 -7.61 -5.58
CA ASP A 25 4.68 -8.05 -4.45
C ASP A 25 5.48 -8.01 -3.16
N SER A 26 6.54 -8.81 -3.10
CA SER A 26 7.39 -8.86 -1.91
C SER A 26 7.49 -7.50 -1.25
N GLN A 27 7.70 -6.47 -2.06
CA GLN A 27 7.82 -5.10 -1.55
C GLN A 27 6.52 -4.67 -0.86
N LEU A 28 5.41 -4.78 -1.56
CA LEU A 28 4.11 -4.40 -1.02
C LEU A 28 3.78 -5.23 0.21
N GLN A 29 3.77 -6.55 0.05
CA GLN A 29 3.46 -7.46 1.14
C GLN A 29 4.24 -7.08 2.40
N GLU A 30 5.54 -6.81 2.23
CA GLU A 30 6.38 -6.43 3.35
C GLU A 30 5.89 -5.14 4.00
N HIS A 31 5.24 -4.30 3.20
CA HIS A 31 4.72 -3.02 3.70
C HIS A 31 3.42 -3.24 4.45
N GLN A 32 2.58 -4.13 3.95
CA GLN A 32 1.29 -4.42 4.57
C GLN A 32 1.48 -4.80 6.04
N ARG A 33 2.73 -5.08 6.42
CA ARG A 33 3.03 -5.46 7.80
C ARG A 33 2.62 -4.36 8.78
N ILE A 34 2.99 -3.12 8.45
CA ILE A 34 2.64 -1.97 9.29
C ILE A 34 1.14 -1.82 9.41
N HIS A 35 0.40 -2.51 8.56
CA HIS A 35 -1.06 -2.45 8.57
C HIS A 35 -1.64 -3.55 9.45
N THR A 36 -0.80 -4.12 10.32
CA THR A 36 -1.24 -5.19 11.21
C THR A 36 -1.61 -4.64 12.59
N GLY A 37 -2.82 -4.10 12.71
CA GLY A 37 -3.26 -3.55 13.97
C GLY A 37 -4.40 -4.34 14.58
N GLU A 38 -5.60 -4.18 14.02
CA GLU A 38 -6.77 -4.88 14.52
C GLU A 38 -6.57 -6.39 14.44
N LYS A 39 -6.07 -6.97 15.53
CA LYS A 39 -5.82 -8.41 15.59
C LYS A 39 -6.94 -9.11 16.36
N PRO A 40 -7.17 -10.39 16.01
CA PRO A 40 -8.21 -11.21 16.66
C PRO A 40 -7.86 -11.55 18.11
N SER A 41 -8.75 -12.29 18.76
CA SER A 41 -8.53 -12.69 20.15
C SER A 41 -7.25 -13.51 20.29
N GLY A 42 -7.01 -14.39 19.32
CA GLY A 42 -5.82 -15.23 19.36
C GLY A 42 -5.41 -15.70 17.98
N PRO A 43 -4.72 -14.82 17.23
CA PRO A 43 -4.25 -15.14 15.87
C PRO A 43 -3.13 -16.17 15.88
N SER A 44 -2.72 -16.58 17.07
CA SER A 44 -1.65 -17.57 17.21
C SER A 44 -1.68 -18.57 16.07
N SER A 45 -0.75 -18.45 15.13
CA SER A 45 -0.68 -19.35 13.99
C SER A 45 -2.07 -19.61 13.43
N GLY A 46 -2.81 -18.54 13.14
CA GLY A 46 -4.15 -18.68 12.60
C GLY A 46 -4.27 -18.13 11.20
N GLY A 1 -5.43 28.73 -11.77
CA GLY A 1 -4.61 27.56 -11.51
C GLY A 1 -4.48 26.67 -12.74
N SER A 2 -3.25 26.27 -13.04
CA SER A 2 -2.99 25.41 -14.19
C SER A 2 -1.98 24.31 -13.83
N SER A 3 -2.47 23.08 -13.76
CA SER A 3 -1.61 21.95 -13.43
C SER A 3 -2.29 20.63 -13.82
N GLY A 4 -1.52 19.55 -13.77
CA GLY A 4 -2.06 18.24 -14.12
C GLY A 4 -0.97 17.21 -14.36
N SER A 5 -0.60 16.50 -13.31
CA SER A 5 0.44 15.47 -13.42
C SER A 5 -0.07 14.12 -12.95
N SER A 6 -0.70 13.39 -13.86
CA SER A 6 -1.26 12.07 -13.54
C SER A 6 -0.56 10.98 -14.34
N GLY A 7 0.38 10.29 -13.69
CA GLY A 7 1.11 9.23 -14.37
C GLY A 7 2.58 9.23 -14.02
N THR A 8 2.89 8.94 -12.75
CA THR A 8 4.27 8.92 -12.29
C THR A 8 4.96 7.63 -12.69
N GLY A 9 4.32 6.50 -12.40
CA GLY A 9 4.88 5.20 -12.75
C GLY A 9 3.96 4.06 -12.42
N GLU A 10 3.43 3.40 -13.45
CA GLU A 10 2.52 2.28 -13.26
C GLU A 10 3.20 1.15 -12.49
N LYS A 11 2.50 0.64 -11.48
CA LYS A 11 3.04 -0.45 -10.67
C LYS A 11 2.06 -1.62 -10.61
N PRO A 12 2.59 -2.84 -10.77
CA PRO A 12 1.78 -4.07 -10.74
C PRO A 12 1.25 -4.37 -9.34
N TYR A 13 1.62 -3.54 -8.39
CA TYR A 13 1.18 -3.72 -7.00
C TYR A 13 0.85 -2.39 -6.35
N ASN A 14 -0.09 -2.40 -5.41
CA ASN A 14 -0.49 -1.19 -4.71
C ASN A 14 -1.21 -1.53 -3.41
N CYS A 15 -1.07 -0.65 -2.42
CA CYS A 15 -1.71 -0.86 -1.12
C CYS A 15 -3.09 -0.23 -1.08
N GLU A 16 -4.11 -1.07 -0.94
CA GLU A 16 -5.49 -0.59 -0.88
C GLU A 16 -5.86 -0.14 0.52
N GLU A 17 -4.85 0.10 1.35
CA GLU A 17 -5.07 0.53 2.73
C GLU A 17 -4.68 1.99 2.92
N CYS A 18 -3.57 2.38 2.31
CA CYS A 18 -3.08 3.76 2.40
C CYS A 18 -2.99 4.39 1.02
N GLY A 19 -2.43 3.65 0.08
CA GLY A 19 -2.28 4.16 -1.28
C GLY A 19 -0.84 4.20 -1.74
N LYS A 20 -0.08 3.17 -1.37
CA LYS A 20 1.33 3.08 -1.74
C LYS A 20 1.54 2.05 -2.84
N ALA A 21 2.15 2.47 -3.94
CA ALA A 21 2.41 1.58 -5.06
C ALA A 21 3.70 0.78 -4.85
N PHE A 22 3.76 -0.41 -5.43
CA PHE A 22 4.94 -1.26 -5.30
C PHE A 22 5.26 -1.93 -6.63
N ILE A 23 6.56 -2.00 -6.95
CA ILE A 23 7.01 -2.61 -8.19
C ILE A 23 6.94 -4.13 -8.10
N HIS A 24 7.40 -4.67 -6.98
CA HIS A 24 7.39 -6.12 -6.77
C HIS A 24 6.42 -6.50 -5.65
N ASP A 25 6.10 -7.79 -5.56
CA ASP A 25 5.19 -8.28 -4.54
C ASP A 25 5.87 -8.35 -3.18
N SER A 26 7.10 -8.86 -3.18
CA SER A 26 7.87 -8.99 -1.95
C SER A 26 8.05 -7.63 -1.27
N GLN A 27 7.89 -6.57 -2.05
CA GLN A 27 8.04 -5.22 -1.53
C GLN A 27 6.76 -4.76 -0.82
N LEU A 28 5.64 -4.86 -1.53
CA LEU A 28 4.35 -4.45 -0.97
C LEU A 28 4.04 -5.24 0.30
N GLN A 29 4.21 -6.55 0.23
CA GLN A 29 3.95 -7.42 1.38
C GLN A 29 4.69 -6.91 2.62
N GLU A 30 5.97 -6.62 2.46
CA GLU A 30 6.79 -6.12 3.57
C GLU A 30 6.17 -4.87 4.18
N HIS A 31 5.28 -4.22 3.42
CA HIS A 31 4.63 -3.01 3.89
C HIS A 31 3.28 -3.33 4.54
N GLN A 32 2.44 -4.03 3.79
CA GLN A 32 1.11 -4.41 4.30
C GLN A 32 1.19 -4.82 5.76
N ARG A 33 2.37 -5.28 6.19
CA ARG A 33 2.57 -5.72 7.57
C ARG A 33 2.05 -4.66 8.54
N ILE A 34 2.45 -3.42 8.32
CA ILE A 34 2.03 -2.32 9.18
C ILE A 34 0.51 -2.19 9.21
N HIS A 35 -0.15 -2.76 8.21
CA HIS A 35 -1.60 -2.72 8.13
C HIS A 35 -2.23 -3.95 8.78
N THR A 36 -1.39 -4.77 9.41
CA THR A 36 -1.86 -5.97 10.07
C THR A 36 -1.26 -6.09 11.47
N GLY A 37 -1.14 -4.96 12.16
CA GLY A 37 -0.59 -4.96 13.50
C GLY A 37 -1.37 -4.07 14.45
N GLU A 38 -1.46 -2.78 14.10
CA GLU A 38 -2.17 -1.82 14.93
C GLU A 38 -3.56 -2.35 15.29
N LYS A 39 -3.77 -2.63 16.57
CA LYS A 39 -5.05 -3.13 17.05
C LYS A 39 -5.89 -2.01 17.68
N PRO A 40 -7.16 -1.90 17.25
CA PRO A 40 -8.07 -0.89 17.77
C PRO A 40 -8.46 -1.12 19.22
N SER A 41 -8.84 -2.37 19.52
CA SER A 41 -9.25 -2.72 20.88
C SER A 41 -8.49 -3.96 21.36
N GLY A 42 -8.65 -5.07 20.62
CA GLY A 42 -7.99 -6.30 20.98
C GLY A 42 -8.50 -7.49 20.21
N PRO A 43 -8.18 -7.53 18.91
CA PRO A 43 -8.60 -8.62 18.02
C PRO A 43 -7.91 -9.94 18.34
N SER A 44 -8.67 -10.88 18.88
CA SER A 44 -8.13 -12.19 19.24
C SER A 44 -9.08 -13.31 18.81
N SER A 45 -8.68 -14.55 19.07
CA SER A 45 -9.48 -15.71 18.71
C SER A 45 -10.12 -16.32 19.96
N GLY A 46 -11.23 -17.04 19.74
CA GLY A 46 -11.93 -17.67 20.85
C GLY A 46 -13.22 -16.96 21.20
N GLY A 1 16.68 23.51 -4.01
CA GLY A 1 16.76 22.07 -4.19
C GLY A 1 15.45 21.47 -4.64
N SER A 2 15.37 21.11 -5.91
CA SER A 2 14.15 20.51 -6.46
C SER A 2 14.44 19.14 -7.05
N SER A 3 13.68 18.14 -6.60
CA SER A 3 13.86 16.78 -7.07
C SER A 3 12.56 15.98 -6.93
N GLY A 4 12.35 15.03 -7.84
CA GLY A 4 11.16 14.21 -7.79
C GLY A 4 11.44 12.74 -7.98
N SER A 5 10.40 11.93 -8.09
CA SER A 5 10.55 10.49 -8.27
C SER A 5 10.12 10.07 -9.67
N SER A 6 10.31 8.79 -9.98
CA SER A 6 9.95 8.26 -11.28
C SER A 6 8.85 7.21 -11.17
N GLY A 7 7.86 7.49 -10.32
CA GLY A 7 6.76 6.56 -10.13
C GLY A 7 5.49 7.01 -10.82
N THR A 8 5.60 7.34 -12.10
CA THR A 8 4.46 7.80 -12.87
C THR A 8 3.27 6.85 -12.71
N GLY A 9 3.48 5.58 -13.08
CA GLY A 9 2.42 4.60 -12.96
C GLY A 9 2.83 3.24 -13.51
N GLU A 10 4.02 2.78 -13.12
CA GLU A 10 4.53 1.50 -13.57
C GLU A 10 4.55 0.49 -12.43
N LYS A 11 3.76 0.75 -11.39
CA LYS A 11 3.69 -0.13 -10.24
C LYS A 11 2.49 -1.06 -10.33
N PRO A 12 2.73 -2.31 -10.72
CA PRO A 12 1.68 -3.32 -10.86
C PRO A 12 1.10 -3.75 -9.51
N TYR A 13 1.56 -3.10 -8.45
CA TYR A 13 1.09 -3.41 -7.11
C TYR A 13 0.70 -2.14 -6.35
N ASN A 14 -0.24 -2.27 -5.43
CA ASN A 14 -0.71 -1.13 -4.64
C ASN A 14 -1.25 -1.58 -3.29
N CYS A 15 -1.24 -0.68 -2.31
CA CYS A 15 -1.73 -0.99 -0.98
C CYS A 15 -3.12 -0.42 -0.77
N GLU A 16 -4.15 -1.23 -1.07
CA GLU A 16 -5.53 -0.80 -0.91
C GLU A 16 -5.78 -0.28 0.50
N GLU A 17 -4.87 -0.58 1.41
CA GLU A 17 -4.99 -0.15 2.80
C GLU A 17 -4.77 1.35 2.92
N CYS A 18 -3.67 1.84 2.35
CA CYS A 18 -3.34 3.25 2.38
C CYS A 18 -3.37 3.86 0.99
N GLY A 19 -2.72 3.20 0.05
CA GLY A 19 -2.69 3.69 -1.32
C GLY A 19 -1.28 3.88 -1.84
N LYS A 20 -0.39 2.96 -1.47
CA LYS A 20 1.01 3.03 -1.90
C LYS A 20 1.30 2.01 -2.99
N ALA A 21 1.85 2.48 -4.11
CA ALA A 21 2.17 1.61 -5.23
C ALA A 21 3.53 0.95 -5.04
N PHE A 22 3.66 -0.28 -5.51
CA PHE A 22 4.91 -1.01 -5.40
C PHE A 22 5.27 -1.69 -6.72
N ILE A 23 6.56 -1.97 -6.91
CA ILE A 23 7.04 -2.61 -8.12
C ILE A 23 6.72 -4.10 -8.11
N HIS A 24 7.16 -4.79 -7.08
CA HIS A 24 6.92 -6.22 -6.94
C HIS A 24 5.96 -6.51 -5.78
N ASP A 25 5.67 -7.79 -5.58
CA ASP A 25 4.77 -8.20 -4.50
C ASP A 25 5.49 -8.18 -3.16
N SER A 26 6.61 -8.88 -3.09
CA SER A 26 7.40 -8.95 -1.86
C SER A 26 7.55 -7.57 -1.23
N GLN A 27 7.72 -6.56 -2.08
CA GLN A 27 7.89 -5.19 -1.61
C GLN A 27 6.62 -4.71 -0.90
N LEU A 28 5.48 -4.83 -1.57
CA LEU A 28 4.20 -4.42 -1.02
C LEU A 28 3.88 -5.20 0.25
N GLN A 29 4.04 -6.52 0.18
CA GLN A 29 3.76 -7.38 1.33
C GLN A 29 4.57 -6.94 2.54
N GLU A 30 5.85 -6.65 2.33
CA GLU A 30 6.72 -6.21 3.41
C GLU A 30 6.24 -4.90 4.02
N HIS A 31 5.29 -4.26 3.34
CA HIS A 31 4.74 -2.99 3.80
C HIS A 31 3.36 -3.19 4.45
N GLN A 32 2.49 -3.92 3.74
CA GLN A 32 1.16 -4.18 4.24
C GLN A 32 1.19 -4.66 5.69
N ARG A 33 2.35 -5.15 6.11
CA ARG A 33 2.53 -5.65 7.48
C ARG A 33 2.32 -4.52 8.49
N ILE A 34 2.84 -3.34 8.17
CA ILE A 34 2.72 -2.19 9.05
C ILE A 34 1.26 -1.91 9.40
N HIS A 35 0.35 -2.41 8.56
CA HIS A 35 -1.07 -2.23 8.79
C HIS A 35 -1.62 -3.29 9.74
N THR A 36 -1.16 -4.52 9.56
CA THR A 36 -1.61 -5.63 10.40
C THR A 36 -0.61 -5.91 11.51
N GLY A 37 -0.49 -4.97 12.45
CA GLY A 37 0.43 -5.14 13.55
C GLY A 37 -0.12 -4.60 14.86
N GLU A 38 0.55 -3.59 15.41
CA GLU A 38 0.11 -2.99 16.66
C GLU A 38 0.22 -1.47 16.60
N LYS A 39 -0.87 -0.79 16.95
CA LYS A 39 -0.90 0.67 16.93
C LYS A 39 -2.13 1.19 17.67
N PRO A 40 -1.95 2.26 18.45
CA PRO A 40 -3.04 2.89 19.22
C PRO A 40 -4.05 3.59 18.32
N SER A 41 -5.09 4.14 18.93
CA SER A 41 -6.13 4.84 18.19
C SER A 41 -5.80 6.32 18.06
N GLY A 42 -4.91 6.64 17.14
CA GLY A 42 -4.51 8.03 16.94
C GLY A 42 -3.54 8.19 15.78
N PRO A 43 -2.36 7.58 15.91
CA PRO A 43 -1.31 7.65 14.88
C PRO A 43 -1.70 6.88 13.61
N SER A 44 -2.47 7.52 12.75
CA SER A 44 -2.91 6.91 11.50
C SER A 44 -3.20 7.97 10.44
N SER A 45 -2.77 7.69 9.22
CA SER A 45 -2.97 8.63 8.11
C SER A 45 -3.62 7.91 6.92
N GLY A 46 -3.95 8.70 5.89
CA GLY A 46 -4.57 8.13 4.71
C GLY A 46 -4.80 9.16 3.63
N GLY A 1 0.53 21.96 -4.82
CA GLY A 1 0.85 23.31 -4.41
C GLY A 1 2.32 23.50 -4.11
N SER A 2 2.78 22.93 -2.99
CA SER A 2 4.18 23.03 -2.59
C SER A 2 4.97 21.84 -3.09
N SER A 3 4.45 20.64 -2.86
CA SER A 3 5.12 19.41 -3.28
C SER A 3 5.21 19.34 -4.79
N GLY A 4 5.92 18.34 -5.30
CA GLY A 4 6.07 18.17 -6.73
C GLY A 4 5.41 16.91 -7.24
N SER A 5 5.72 16.53 -8.47
CA SER A 5 5.14 15.34 -9.09
C SER A 5 6.21 14.27 -9.30
N SER A 6 6.24 13.29 -8.40
CA SER A 6 7.21 12.21 -8.50
C SER A 6 6.51 10.85 -8.58
N GLY A 7 6.32 10.38 -9.81
CA GLY A 7 5.66 9.09 -10.01
C GLY A 7 5.65 8.67 -11.47
N THR A 8 6.81 8.33 -12.00
CA THR A 8 6.93 7.91 -13.39
C THR A 8 6.80 6.40 -13.51
N GLY A 9 5.97 5.95 -14.46
CA GLY A 9 5.78 4.53 -14.67
C GLY A 9 4.52 4.01 -14.00
N GLU A 10 4.26 2.72 -14.15
CA GLU A 10 3.08 2.10 -13.56
C GLU A 10 3.46 0.93 -12.66
N LYS A 11 3.10 1.02 -11.39
CA LYS A 11 3.41 -0.02 -10.43
C LYS A 11 2.37 -1.14 -10.49
N PRO A 12 2.84 -2.37 -10.74
CA PRO A 12 1.97 -3.55 -10.84
C PRO A 12 1.39 -3.95 -9.48
N TYR A 13 1.72 -3.17 -8.46
CA TYR A 13 1.23 -3.44 -7.11
C TYR A 13 0.85 -2.15 -6.40
N ASN A 14 -0.10 -2.26 -5.48
CA ASN A 14 -0.57 -1.10 -4.71
C ASN A 14 -1.22 -1.53 -3.41
N CYS A 15 -1.08 -0.70 -2.38
CA CYS A 15 -1.65 -0.99 -1.08
C CYS A 15 -3.11 -0.54 -1.00
N GLU A 16 -3.99 -1.46 -0.65
CA GLU A 16 -5.42 -1.15 -0.56
C GLU A 16 -5.77 -0.70 0.86
N GLU A 17 -4.76 -0.35 1.64
CA GLU A 17 -4.97 0.10 3.01
C GLU A 17 -4.67 1.59 3.14
N CYS A 18 -3.66 2.05 2.41
CA CYS A 18 -3.27 3.46 2.45
C CYS A 18 -3.35 4.08 1.07
N GLY A 19 -2.74 3.41 0.08
CA GLY A 19 -2.76 3.91 -1.28
C GLY A 19 -1.36 4.11 -1.84
N LYS A 20 -0.46 3.19 -1.51
CA LYS A 20 0.91 3.27 -1.99
C LYS A 20 1.12 2.34 -3.19
N ALA A 21 2.21 2.58 -3.92
CA ALA A 21 2.53 1.77 -5.09
C ALA A 21 3.84 1.01 -4.90
N PHE A 22 3.94 -0.16 -5.51
CA PHE A 22 5.14 -0.97 -5.41
C PHE A 22 5.49 -1.60 -6.75
N ILE A 23 6.71 -2.11 -6.87
CA ILE A 23 7.16 -2.73 -8.10
C ILE A 23 6.98 -4.25 -8.05
N HIS A 24 7.47 -4.86 -6.97
CA HIS A 24 7.35 -6.31 -6.79
C HIS A 24 6.41 -6.63 -5.64
N ASP A 25 5.91 -7.86 -5.63
CA ASP A 25 5.00 -8.30 -4.58
C ASP A 25 5.67 -8.22 -3.21
N SER A 26 6.66 -9.07 -2.98
CA SER A 26 7.38 -9.10 -1.71
C SER A 26 7.50 -7.69 -1.13
N GLN A 27 7.75 -6.71 -2.00
CA GLN A 27 7.90 -5.33 -1.58
C GLN A 27 6.61 -4.82 -0.94
N LEU A 28 5.49 -5.06 -1.60
CA LEU A 28 4.19 -4.64 -1.09
C LEU A 28 3.82 -5.39 0.18
N GLN A 29 3.94 -6.71 0.13
CA GLN A 29 3.62 -7.54 1.28
C GLN A 29 4.44 -7.13 2.50
N GLU A 30 5.69 -6.75 2.26
CA GLU A 30 6.58 -6.32 3.34
C GLU A 30 6.12 -5.00 3.94
N HIS A 31 5.21 -4.33 3.25
CA HIS A 31 4.68 -3.05 3.71
C HIS A 31 3.33 -3.24 4.40
N GLN A 32 2.44 -3.99 3.76
CA GLN A 32 1.12 -4.24 4.31
C GLN A 32 1.20 -4.60 5.80
N ARG A 33 2.36 -5.10 6.21
CA ARG A 33 2.57 -5.48 7.60
C ARG A 33 2.22 -4.34 8.55
N ILE A 34 2.70 -3.15 8.22
CA ILE A 34 2.43 -1.97 9.03
C ILE A 34 0.95 -1.86 9.37
N HIS A 35 0.11 -2.41 8.50
CA HIS A 35 -1.34 -2.38 8.70
C HIS A 35 -1.80 -3.56 9.55
N THR A 36 -1.52 -4.77 9.08
CA THR A 36 -1.91 -5.98 9.80
C THR A 36 -0.96 -6.25 10.96
N GLY A 37 -1.21 -5.59 12.09
CA GLY A 37 -0.37 -5.78 13.26
C GLY A 37 -0.01 -4.46 13.93
N GLU A 38 -0.99 -3.57 14.04
CA GLU A 38 -0.77 -2.26 14.66
C GLU A 38 -2.09 -1.63 15.08
N LYS A 39 -2.01 -0.61 15.93
CA LYS A 39 -3.19 0.08 16.41
C LYS A 39 -3.35 1.44 15.74
N PRO A 40 -4.60 1.79 15.41
CA PRO A 40 -4.91 3.06 14.74
C PRO A 40 -4.70 4.26 15.66
N SER A 41 -4.69 5.46 15.08
CA SER A 41 -4.50 6.68 15.85
C SER A 41 -5.72 6.98 16.72
N GLY A 42 -6.91 6.78 16.13
CA GLY A 42 -8.13 7.03 16.86
C GLY A 42 -8.40 5.99 17.94
N PRO A 43 -9.08 4.90 17.56
CA PRO A 43 -9.40 3.81 18.49
C PRO A 43 -8.17 3.02 18.90
N SER A 44 -7.45 3.54 19.90
CA SER A 44 -6.24 2.89 20.39
C SER A 44 -6.57 1.52 20.98
N SER A 45 -6.68 0.52 20.11
CA SER A 45 -6.99 -0.84 20.55
C SER A 45 -8.30 -0.87 21.33
N GLY A 46 -9.28 -0.10 20.86
CA GLY A 46 -10.57 -0.05 21.53
C GLY A 46 -10.65 1.07 22.56
N GLY A 1 -19.40 15.10 -20.67
CA GLY A 1 -19.24 13.78 -21.23
C GLY A 1 -18.16 12.97 -20.54
N SER A 2 -18.22 11.65 -20.70
CA SER A 2 -17.24 10.76 -20.08
C SER A 2 -15.91 10.84 -20.81
N SER A 3 -15.02 11.70 -20.33
CA SER A 3 -13.70 11.87 -20.95
C SER A 3 -12.84 10.62 -20.73
N GLY A 4 -12.68 10.23 -19.47
CA GLY A 4 -11.88 9.07 -19.15
C GLY A 4 -10.88 9.34 -18.05
N SER A 5 -11.03 8.65 -16.93
CA SER A 5 -10.12 8.82 -15.80
C SER A 5 -8.69 8.46 -16.18
N SER A 6 -7.73 9.08 -15.50
CA SER A 6 -6.32 8.83 -15.77
C SER A 6 -5.60 8.35 -14.52
N GLY A 7 -4.52 7.59 -14.71
CA GLY A 7 -3.77 7.08 -13.59
C GLY A 7 -4.02 5.59 -13.35
N THR A 8 -3.81 4.78 -14.38
CA THR A 8 -4.03 3.34 -14.28
C THR A 8 -3.14 2.74 -13.19
N GLY A 9 -1.84 2.97 -13.29
CA GLY A 9 -0.91 2.44 -12.32
C GLY A 9 0.44 2.12 -12.92
N GLU A 10 1.48 2.82 -12.46
CA GLU A 10 2.84 2.61 -12.96
C GLU A 10 3.51 1.46 -12.23
N LYS A 11 2.74 0.76 -11.40
CA LYS A 11 3.27 -0.37 -10.63
C LYS A 11 2.26 -1.51 -10.59
N PRO A 12 2.74 -2.75 -10.80
CA PRO A 12 1.89 -3.94 -10.78
C PRO A 12 1.37 -4.27 -9.39
N TYR A 13 1.74 -3.44 -8.42
CA TYR A 13 1.32 -3.64 -7.03
C TYR A 13 0.97 -2.32 -6.37
N ASN A 14 0.00 -2.36 -5.47
CA ASN A 14 -0.44 -1.16 -4.75
C ASN A 14 -1.21 -1.53 -3.49
N CYS A 15 -1.09 -0.69 -2.46
CA CYS A 15 -1.79 -0.93 -1.21
C CYS A 15 -3.16 -0.27 -1.21
N GLU A 16 -4.19 -1.06 -0.91
CA GLU A 16 -5.55 -0.56 -0.88
C GLU A 16 -5.87 0.07 0.49
N GLU A 17 -4.95 -0.06 1.42
CA GLU A 17 -5.12 0.49 2.76
C GLU A 17 -4.71 1.96 2.80
N CYS A 18 -3.60 2.27 2.14
CA CYS A 18 -3.10 3.64 2.10
C CYS A 18 -3.03 4.14 0.66
N GLY A 19 -2.45 3.33 -0.21
CA GLY A 19 -2.33 3.71 -1.62
C GLY A 19 -0.90 3.59 -2.12
N LYS A 20 0.01 3.27 -1.22
CA LYS A 20 1.42 3.12 -1.59
C LYS A 20 1.59 2.07 -2.69
N ALA A 21 2.29 2.46 -3.75
CA ALA A 21 2.52 1.55 -4.87
C ALA A 21 3.81 0.75 -4.67
N PHE A 22 3.91 -0.38 -5.35
CA PHE A 22 5.08 -1.24 -5.25
C PHE A 22 5.42 -1.86 -6.59
N ILE A 23 6.71 -1.97 -6.88
CA ILE A 23 7.17 -2.55 -8.14
C ILE A 23 7.06 -4.07 -8.11
N HIS A 24 7.28 -4.66 -6.94
CA HIS A 24 7.20 -6.10 -6.78
C HIS A 24 6.35 -6.47 -5.57
N ASP A 25 5.86 -7.71 -5.56
CA ASP A 25 5.02 -8.18 -4.46
C ASP A 25 5.78 -8.14 -3.14
N SER A 26 6.83 -8.95 -3.05
CA SER A 26 7.64 -9.01 -1.83
C SER A 26 7.78 -7.63 -1.20
N GLN A 27 7.96 -6.62 -2.04
CA GLN A 27 8.10 -5.24 -1.56
C GLN A 27 6.81 -4.76 -0.91
N LEU A 28 5.69 -5.01 -1.58
CA LEU A 28 4.39 -4.60 -1.06
C LEU A 28 4.02 -5.37 0.20
N GLN A 29 4.13 -6.69 0.13
CA GLN A 29 3.82 -7.55 1.27
C GLN A 29 4.58 -7.10 2.51
N GLU A 30 5.86 -6.79 2.34
CA GLU A 30 6.71 -6.34 3.44
C GLU A 30 6.18 -5.04 4.04
N HIS A 31 5.28 -4.38 3.31
CA HIS A 31 4.69 -3.13 3.77
C HIS A 31 3.34 -3.37 4.44
N GLN A 32 2.45 -4.08 3.74
CA GLN A 32 1.13 -4.38 4.26
C GLN A 32 1.19 -4.69 5.75
N ARG A 33 2.35 -5.18 6.19
CA ARG A 33 2.54 -5.52 7.60
C ARG A 33 2.08 -4.39 8.51
N ILE A 34 2.55 -3.18 8.22
CA ILE A 34 2.20 -2.01 9.01
C ILE A 34 0.69 -1.92 9.21
N HIS A 35 -0.06 -2.55 8.31
CA HIS A 35 -1.51 -2.54 8.37
C HIS A 35 -2.02 -3.75 9.15
N THR A 36 -1.40 -4.90 8.92
CA THR A 36 -1.79 -6.13 9.60
C THR A 36 -0.76 -6.55 10.64
N GLY A 37 -0.16 -5.56 11.29
CA GLY A 37 0.85 -5.84 12.30
C GLY A 37 0.36 -6.84 13.33
N GLU A 38 -0.55 -6.41 14.19
CA GLU A 38 -1.10 -7.27 15.23
C GLU A 38 -2.02 -8.33 14.63
N LYS A 39 -1.42 -9.39 14.11
CA LYS A 39 -2.18 -10.48 13.50
C LYS A 39 -3.34 -10.91 14.41
N PRO A 40 -4.50 -11.18 13.80
CA PRO A 40 -5.71 -11.59 14.52
C PRO A 40 -5.57 -12.99 15.10
N SER A 41 -6.69 -13.56 15.53
CA SER A 41 -6.70 -14.90 16.11
C SER A 41 -7.21 -15.93 15.11
N GLY A 42 -6.29 -16.51 14.35
CA GLY A 42 -6.66 -17.50 13.36
C GLY A 42 -7.78 -17.03 12.45
N PRO A 43 -7.47 -16.07 11.57
CA PRO A 43 -8.46 -15.51 10.63
C PRO A 43 -8.87 -16.52 9.55
N SER A 44 -7.90 -17.32 9.10
CA SER A 44 -8.16 -18.32 8.07
C SER A 44 -7.30 -19.55 8.28
N SER A 45 -7.93 -20.72 8.27
CA SER A 45 -7.23 -21.98 8.47
C SER A 45 -6.00 -22.06 7.56
N GLY A 46 -4.82 -21.92 8.16
CA GLY A 46 -3.59 -21.98 7.40
C GLY A 46 -2.44 -22.60 8.18
N GLY A 1 -9.83 19.66 -6.12
CA GLY A 1 -8.64 19.20 -6.84
C GLY A 1 -7.44 20.10 -6.60
N SER A 2 -6.70 19.83 -5.53
CA SER A 2 -5.53 20.62 -5.19
C SER A 2 -4.25 19.95 -5.71
N SER A 3 -3.26 20.76 -6.06
CA SER A 3 -1.99 20.25 -6.56
C SER A 3 -1.50 19.08 -5.72
N GLY A 4 -0.89 18.09 -6.37
CA GLY A 4 -0.39 16.94 -5.66
C GLY A 4 1.01 16.55 -6.11
N SER A 5 1.19 15.27 -6.43
CA SER A 5 2.48 14.76 -6.87
C SER A 5 2.41 14.28 -8.32
N SER A 6 3.58 14.10 -8.93
CA SER A 6 3.64 13.65 -10.31
C SER A 6 2.56 12.62 -10.60
N GLY A 7 1.77 12.88 -11.64
CA GLY A 7 0.69 11.97 -12.01
C GLY A 7 1.21 10.72 -12.70
N THR A 8 1.99 9.93 -11.98
CA THR A 8 2.56 8.70 -12.53
C THR A 8 2.45 7.54 -11.53
N GLY A 9 2.56 6.32 -12.04
CA GLY A 9 2.47 5.16 -11.16
C GLY A 9 2.08 3.91 -11.92
N GLU A 10 3.05 3.33 -12.63
CA GLU A 10 2.79 2.12 -13.41
C GLU A 10 3.11 0.87 -12.58
N LYS A 11 3.32 1.07 -11.29
CA LYS A 11 3.62 -0.05 -10.39
C LYS A 11 2.54 -1.12 -10.46
N PRO A 12 2.97 -2.35 -10.77
CA PRO A 12 2.06 -3.50 -10.88
C PRO A 12 1.48 -3.91 -9.53
N TYR A 13 1.82 -3.16 -8.48
CA TYR A 13 1.34 -3.46 -7.14
C TYR A 13 0.96 -2.17 -6.41
N ASN A 14 0.00 -2.28 -5.50
CA ASN A 14 -0.46 -1.13 -4.73
C ASN A 14 -1.09 -1.57 -3.41
N CYS A 15 -1.18 -0.64 -2.47
CA CYS A 15 -1.75 -0.94 -1.16
C CYS A 15 -3.14 -0.33 -1.03
N GLU A 16 -4.15 -1.18 -0.91
CA GLU A 16 -5.53 -0.73 -0.79
C GLU A 16 -5.78 -0.12 0.60
N GLU A 17 -4.90 -0.43 1.54
CA GLU A 17 -5.02 0.08 2.90
C GLU A 17 -4.74 1.58 2.95
N CYS A 18 -3.58 1.98 2.41
CA CYS A 18 -3.19 3.38 2.39
C CYS A 18 -3.32 3.96 0.98
N GLY A 19 -2.78 3.24 0.00
CA GLY A 19 -2.84 3.71 -1.37
C GLY A 19 -1.48 3.94 -1.97
N LYS A 20 -0.52 3.10 -1.60
CA LYS A 20 0.84 3.20 -2.11
C LYS A 20 1.05 2.28 -3.31
N ALA A 21 2.23 2.38 -3.93
CA ALA A 21 2.56 1.56 -5.08
C ALA A 21 3.85 0.78 -4.86
N PHE A 22 3.95 -0.39 -5.47
CA PHE A 22 5.12 -1.23 -5.33
C PHE A 22 5.47 -1.90 -6.66
N ILE A 23 6.76 -2.19 -6.86
CA ILE A 23 7.22 -2.84 -8.07
C ILE A 23 7.06 -4.35 -7.99
N HIS A 24 7.50 -4.92 -6.88
CA HIS A 24 7.42 -6.36 -6.68
C HIS A 24 6.49 -6.69 -5.51
N ASP A 25 5.82 -7.83 -5.58
CA ASP A 25 4.90 -8.26 -4.53
C ASP A 25 5.58 -8.23 -3.17
N SER A 26 6.67 -8.99 -3.03
CA SER A 26 7.42 -9.05 -1.79
C SER A 26 7.54 -7.67 -1.16
N GLN A 27 7.79 -6.67 -1.99
CA GLN A 27 7.94 -5.30 -1.51
C GLN A 27 6.64 -4.81 -0.88
N LEU A 28 5.53 -4.95 -1.59
CA LEU A 28 4.24 -4.53 -1.09
C LEU A 28 3.86 -5.28 0.18
N GLN A 29 3.93 -6.61 0.12
CA GLN A 29 3.60 -7.44 1.26
C GLN A 29 4.41 -7.04 2.48
N GLU A 30 5.71 -6.86 2.29
CA GLU A 30 6.60 -6.47 3.38
C GLU A 30 6.18 -5.13 3.97
N HIS A 31 5.26 -4.45 3.29
CA HIS A 31 4.77 -3.16 3.75
C HIS A 31 3.41 -3.29 4.41
N GLN A 32 2.45 -3.89 3.69
CA GLN A 32 1.11 -4.08 4.21
C GLN A 32 1.15 -4.50 5.67
N ARG A 33 2.27 -5.11 6.08
CA ARG A 33 2.42 -5.56 7.46
C ARG A 33 2.20 -4.42 8.44
N ILE A 34 2.76 -3.26 8.14
CA ILE A 34 2.62 -2.09 9.00
C ILE A 34 1.16 -1.85 9.36
N HIS A 35 0.26 -2.33 8.51
CA HIS A 35 -1.17 -2.18 8.74
C HIS A 35 -1.68 -3.21 9.75
N THR A 36 -0.75 -3.87 10.42
CA THR A 36 -1.09 -4.89 11.41
C THR A 36 -1.38 -4.27 12.77
N GLY A 37 -2.03 -3.11 12.76
CA GLY A 37 -2.36 -2.42 14.00
C GLY A 37 -3.04 -3.33 15.00
N GLU A 38 -4.37 -3.24 15.06
CA GLU A 38 -5.15 -4.06 15.99
C GLU A 38 -5.31 -5.47 15.45
N LYS A 39 -4.22 -6.05 14.97
CA LYS A 39 -4.23 -7.41 14.44
C LYS A 39 -2.81 -7.92 14.19
N PRO A 40 -2.57 -9.18 14.54
CA PRO A 40 -1.26 -9.81 14.36
C PRO A 40 -0.93 -10.05 12.89
N SER A 41 0.33 -10.39 12.62
CA SER A 41 0.78 -10.63 11.26
C SER A 41 0.14 -11.90 10.70
N GLY A 42 0.28 -13.00 11.42
CA GLY A 42 -0.29 -14.26 10.99
C GLY A 42 -0.27 -15.32 12.07
N PRO A 43 -1.19 -15.21 13.03
CA PRO A 43 -1.28 -16.16 14.15
C PRO A 43 -1.76 -17.54 13.69
N SER A 44 -1.07 -18.58 14.15
CA SER A 44 -1.42 -19.95 13.79
C SER A 44 -2.13 -20.65 14.95
N SER A 45 -2.95 -21.64 14.63
CA SER A 45 -3.68 -22.39 15.65
C SER A 45 -2.85 -23.56 16.15
N GLY A 46 -2.16 -23.35 17.27
CA GLY A 46 -1.33 -24.40 17.84
C GLY A 46 -0.06 -23.86 18.47
#